data_4KZB
#
_entry.id   4KZB
#
_cell.length_a   117.600
_cell.length_b   77.440
_cell.length_c   97.500
_cell.angle_alpha   90.000
_cell.angle_beta   116.180
_cell.angle_gamma   90.000
#
_symmetry.space_group_name_H-M   'C 1 2 1'
#
loop_
_entity.id
_entity.type
_entity.pdbx_description
1 polymer Beta-lactamase
2 non-polymer N-(methylsulfonyl)-N-phenyl-L-alanine
3 non-polymer N-(methylsulfonyl)-N-phenyl-D-alanine
4 water water
#
_entity_poly.entity_id   1
_entity_poly.type   'polypeptide(L)'
_entity_poly.pdbx_seq_one_letter_code
;APQQINDIVHRTITPLIEQQKIPGMAVAVIYQGKPYYFTWGYADIAKKQPVTQQTLFELGSVSKTFTGVLGGDAIARGEI
KLSDPTTKYWPELTAKQWNGITLLHLATYTAGGLPLQVPDEVKSSSDLLRFYQNWQPAWAPGTQRLYANSSIGLFGALAV
KPSGLSFEQAMQTRVFQPLKLNHTWINVPPAEEKNYAWGYREGKAVHVSPGALDAEAYGVKSTIEDMARWVQSNLKPLDI
NEKTLQQGIQLAQSRYWQTGDMYQGLGWEMLDWPVNPDSIINGSDNKIALAARPVKAITPPTPAVRASWVHKTGATGGFG
SYVAFIPEKELGIVMLANKNYPNPARVDAAWQILNALQ
;
_entity_poly.pdbx_strand_id   A,B
#
# COMPACT_ATOMS: atom_id res chain seq x y z
N ALA A 1 34.17 12.97 -13.83
CA ALA A 1 32.80 13.16 -13.36
C ALA A 1 32.30 14.56 -13.76
N PRO A 2 30.97 14.78 -13.73
CA PRO A 2 30.50 16.15 -13.96
C PRO A 2 31.11 17.08 -12.91
N GLN A 3 31.63 18.21 -13.35
CA GLN A 3 32.33 19.10 -12.42
C GLN A 3 31.44 19.61 -11.29
N GLN A 4 30.17 19.82 -11.58
CA GLN A 4 29.24 20.26 -10.55
C GLN A 4 29.22 19.25 -9.41
N ILE A 5 29.16 17.97 -9.75
CA ILE A 5 29.13 16.95 -8.71
C ILE A 5 30.47 16.90 -7.97
N ASN A 6 31.56 16.88 -8.72
CA ASN A 6 32.88 16.90 -8.11
C ASN A 6 33.00 18.06 -7.11
N ASP A 7 32.63 19.26 -7.56
CA ASP A 7 32.86 20.43 -6.73
C ASP A 7 31.94 20.45 -5.53
N ILE A 8 30.66 20.17 -5.75
CA ILE A 8 29.71 20.16 -4.67
C ILE A 8 30.11 19.14 -3.59
N VAL A 9 30.50 17.94 -4.02
CA VAL A 9 30.88 16.92 -3.04
C VAL A 9 32.17 17.31 -2.31
N HIS A 10 33.22 17.66 -3.05
CA HIS A 10 34.49 17.96 -2.39
C HIS A 10 34.41 19.20 -1.49
N ARG A 11 33.72 20.25 -1.93
CA ARG A 11 33.64 21.47 -1.13
C ARG A 11 32.89 21.26 0.18
N THR A 12 32.03 20.24 0.23
CA THR A 12 31.27 19.94 1.44
C THR A 12 32.02 18.93 2.31
N ILE A 13 32.56 17.90 1.68
CA ILE A 13 33.08 16.79 2.48
C ILE A 13 34.50 17.06 3.02
N THR A 14 35.33 17.77 2.26
CA THR A 14 36.68 18.06 2.77
C THR A 14 36.67 18.76 4.14
N PRO A 15 35.89 19.86 4.26
CA PRO A 15 35.84 20.49 5.59
C PRO A 15 35.20 19.61 6.66
N LEU A 16 34.24 18.79 6.28
CA LEU A 16 33.58 17.92 7.24
C LEU A 16 34.61 16.96 7.82
N ILE A 17 35.40 16.34 6.95
CA ILE A 17 36.44 15.41 7.40
C ILE A 17 37.45 16.11 8.33
N GLU A 18 37.84 17.33 7.98
CA GLU A 18 38.76 18.09 8.81
C GLU A 18 38.16 18.44 10.17
N GLN A 19 36.94 18.95 10.17
CA GLN A 19 36.29 19.38 11.40
C GLN A 19 36.01 18.21 12.33
N GLN A 20 35.59 17.08 11.75
CA GLN A 20 35.16 15.94 12.55
C GLN A 20 36.28 14.93 12.79
N LYS A 21 37.45 15.18 12.19
CA LYS A 21 38.61 14.28 12.35
C LYS A 21 38.25 12.84 11.99
N ILE A 22 37.63 12.71 10.82
CA ILE A 22 37.19 11.41 10.33
C ILE A 22 38.37 10.70 9.63
N PRO A 23 38.69 9.47 10.06
CA PRO A 23 39.87 8.81 9.47
C PRO A 23 39.69 8.40 8.02
N GLY A 24 38.48 7.98 7.66
CA GLY A 24 38.22 7.48 6.32
C GLY A 24 36.75 7.64 5.98
N MET A 25 36.46 7.90 4.71
CA MET A 25 35.10 8.17 4.30
C MET A 25 34.87 7.77 2.86
N ALA A 26 33.66 7.28 2.57
CA ALA A 26 33.24 7.05 1.19
C ALA A 26 31.90 7.72 0.99
N VAL A 27 31.71 8.34 -0.17
CA VAL A 27 30.46 9.00 -0.52
C VAL A 27 30.04 8.55 -1.90
N ALA A 28 28.75 8.29 -2.07
CA ALA A 28 28.15 8.08 -3.39
C ALA A 28 27.06 9.11 -3.59
N VAL A 29 27.06 9.74 -4.76
CA VAL A 29 25.91 10.53 -5.19
C VAL A 29 25.24 9.75 -6.31
N ILE A 30 23.92 9.56 -6.18
CA ILE A 30 23.16 8.91 -7.22
C ILE A 30 22.37 10.02 -7.91
N TYR A 31 22.64 10.21 -9.19
CA TYR A 31 22.06 11.34 -9.93
C TYR A 31 21.52 10.75 -11.23
N GLN A 32 20.20 10.78 -11.39
CA GLN A 32 19.51 10.31 -12.59
C GLN A 32 19.92 8.91 -13.05
N GLY A 33 19.94 7.95 -12.11
CA GLY A 33 20.23 6.57 -12.46
C GLY A 33 21.70 6.19 -12.58
N LYS A 34 22.59 7.12 -12.23
CA LYS A 34 24.01 6.81 -12.27
C LYS A 34 24.69 7.18 -10.94
N PRO A 35 25.60 6.33 -10.47
CA PRO A 35 26.32 6.67 -9.24
C PRO A 35 27.66 7.34 -9.52
N TYR A 36 28.07 8.19 -8.59
CA TYR A 36 29.37 8.86 -8.64
C TYR A 36 30.02 8.67 -7.28
N TYR A 37 31.24 8.14 -7.28
CA TYR A 37 31.89 7.74 -6.04
C TYR A 37 33.09 8.60 -5.69
N PHE A 38 33.29 8.77 -4.39
CA PHE A 38 34.36 9.57 -3.83
C PHE A 38 34.90 8.90 -2.57
N THR A 39 36.22 8.85 -2.39
CA THR A 39 36.77 8.29 -1.17
C THR A 39 37.88 9.15 -0.60
N TRP A 40 38.09 9.03 0.70
CA TRP A 40 39.12 9.77 1.42
C TRP A 40 39.71 8.90 2.50
N GLY A 41 41.00 9.09 2.77
CA GLY A 41 41.56 8.58 4.01
C GLY A 41 41.67 7.08 4.13
N TYR A 42 41.56 6.61 5.38
CA TYR A 42 42.02 5.28 5.72
C TYR A 42 40.95 4.37 6.28
N ALA A 43 40.91 3.17 5.73
CA ALA A 43 40.13 2.07 6.28
C ALA A 43 40.83 1.47 7.49
N ASP A 44 42.17 1.45 7.46
CA ASP A 44 42.97 0.89 8.54
C ASP A 44 44.19 1.78 8.66
N ILE A 45 44.22 2.57 9.71
CA ILE A 45 45.31 3.52 9.91
C ILE A 45 46.64 2.82 10.11
N ALA A 46 46.67 1.80 10.96
CA ALA A 46 47.94 1.14 11.28
C ALA A 46 48.54 0.42 10.08
N LYS A 47 47.69 -0.15 9.24
CA LYS A 47 48.16 -0.90 8.07
C LYS A 47 48.21 -0.03 6.80
N LYS A 48 47.88 1.24 6.96
CA LYS A 48 47.92 2.24 5.88
C LYS A 48 47.03 1.85 4.71
N GLN A 49 45.90 1.20 5.01
CA GLN A 49 44.98 0.78 3.94
C GLN A 49 44.00 1.90 3.66
N PRO A 50 43.94 2.35 2.39
CA PRO A 50 43.05 3.46 2.03
C PRO A 50 41.59 2.99 1.93
N VAL A 51 40.65 3.93 2.07
CA VAL A 51 39.25 3.66 1.72
C VAL A 51 39.17 3.56 0.21
N THR A 52 38.52 2.50 -0.26
CA THR A 52 38.25 2.32 -1.67
C THR A 52 36.75 2.07 -1.86
N GLN A 53 36.33 1.90 -3.12
CA GLN A 53 34.94 1.57 -3.40
C GLN A 53 34.55 0.16 -2.94
N GLN A 54 35.54 -0.62 -2.52
N GLN A 54 35.54 -0.65 -2.53
CA GLN A 54 35.33 -1.98 -2.05
CA GLN A 54 35.29 -1.99 -2.03
C GLN A 54 35.42 -2.11 -0.53
C GLN A 54 35.39 -2.11 -0.52
N THR A 55 35.70 -1.01 0.17
CA THR A 55 35.81 -1.04 1.61
C THR A 55 34.45 -1.30 2.25
N LEU A 56 34.41 -2.23 3.20
CA LEU A 56 33.20 -2.46 3.98
C LEU A 56 33.17 -1.58 5.22
N PHE A 57 32.03 -0.92 5.43
CA PHE A 57 31.78 -0.12 6.62
C PHE A 57 30.63 -0.77 7.41
N GLU A 58 30.65 -0.61 8.73
CA GLU A 58 29.48 -0.97 9.54
C GLU A 58 28.43 0.11 9.37
N LEU A 59 27.25 -0.29 8.90
CA LEU A 59 26.16 0.64 8.68
C LEU A 59 25.45 1.04 9.95
N GLY A 60 25.64 0.27 11.02
CA GLY A 60 24.92 0.57 12.24
C GLY A 60 23.43 0.61 11.97
N SER A 61 22.75 1.60 12.55
CA SER A 61 21.30 1.65 12.41
C SER A 61 20.75 1.87 11.00
N VAL A 62 21.57 2.23 10.03
CA VAL A 62 21.11 2.23 8.64
C VAL A 62 20.62 0.82 8.25
N SER A 63 21.14 -0.20 8.94
CA SER A 63 20.67 -1.58 8.76
C SER A 63 19.15 -1.72 8.88
N LYS A 64 18.51 -0.87 9.68
CA LYS A 64 17.06 -0.96 9.88
C LYS A 64 16.31 -0.78 8.59
N THR A 65 16.90 -0.10 7.60
CA THR A 65 16.23 0.01 6.31
C THR A 65 16.15 -1.34 5.61
N PHE A 66 17.20 -2.16 5.73
CA PHE A 66 17.15 -3.52 5.19
C PHE A 66 16.13 -4.34 5.95
N THR A 67 16.12 -4.22 7.28
CA THR A 67 15.11 -4.93 8.06
C THR A 67 13.68 -4.56 7.65
N GLY A 68 13.45 -3.26 7.44
CA GLY A 68 12.12 -2.81 7.11
C GLY A 68 11.70 -3.37 5.75
N VAL A 69 12.59 -3.33 4.76
CA VAL A 69 12.28 -3.86 3.43
C VAL A 69 12.10 -5.38 3.47
N LEU A 70 12.91 -6.10 4.25
CA LEU A 70 12.73 -7.55 4.38
C LEU A 70 11.35 -7.84 4.98
N GLY A 71 10.94 -7.06 5.97
CA GLY A 71 9.61 -7.19 6.54
C GLY A 71 8.55 -6.89 5.51
N GLY A 72 8.74 -5.82 4.73
CA GLY A 72 7.83 -5.49 3.64
C GLY A 72 7.68 -6.66 2.66
N ASP A 73 8.81 -7.29 2.33
CA ASP A 73 8.79 -8.43 1.41
C ASP A 73 8.00 -9.60 2.02
N ALA A 74 8.11 -9.81 3.33
CA ALA A 74 7.35 -10.88 3.99
C ALA A 74 5.84 -10.58 3.98
N ILE A 75 5.47 -9.31 4.08
CA ILE A 75 4.05 -8.94 3.95
C ILE A 75 3.60 -9.24 2.53
N ALA A 76 4.39 -8.82 1.55
CA ALA A 76 4.04 -9.05 0.15
C ALA A 76 3.94 -10.53 -0.18
N ARG A 77 4.74 -11.35 0.47
CA ARG A 77 4.67 -12.80 0.29
C ARG A 77 3.44 -13.43 0.95
N GLY A 78 2.70 -12.64 1.73
CA GLY A 78 1.57 -13.17 2.50
C GLY A 78 1.96 -13.97 3.75
N GLU A 79 3.22 -13.83 4.20
CA GLU A 79 3.71 -14.58 5.35
C GLU A 79 3.34 -13.92 6.69
N ILE A 80 3.30 -12.59 6.70
CA ILE A 80 2.93 -11.85 7.89
C ILE A 80 2.03 -10.68 7.51
N LYS A 81 1.33 -10.13 8.50
CA LYS A 81 0.59 -8.87 8.33
C LYS A 81 1.02 -7.95 9.47
N LEU A 82 1.16 -6.65 9.16
CA LEU A 82 1.53 -5.70 10.20
C LEU A 82 0.43 -5.54 11.24
N SER A 83 -0.79 -5.87 10.86
CA SER A 83 -1.93 -5.80 11.77
C SER A 83 -2.00 -7.01 12.71
N ASP A 84 -1.17 -8.01 12.49
CA ASP A 84 -1.20 -9.21 13.36
C ASP A 84 -0.64 -8.93 14.76
N PRO A 85 -1.21 -9.54 15.78
CA PRO A 85 -0.64 -9.45 17.12
C PRO A 85 0.76 -10.08 17.14
N THR A 86 1.65 -9.48 17.93
CA THR A 86 2.99 -10.03 18.12
C THR A 86 2.89 -11.48 18.56
N THR A 87 1.93 -11.78 19.42
CA THR A 87 1.80 -13.12 19.99
C THR A 87 1.49 -14.21 18.96
N LYS A 88 0.97 -13.83 17.81
CA LYS A 88 0.76 -14.81 16.75
C LYS A 88 2.07 -15.46 16.33
N TYR A 89 3.15 -14.67 16.32
CA TYR A 89 4.45 -15.15 15.88
C TYR A 89 5.36 -15.58 17.03
N TRP A 90 4.94 -15.27 18.26
CA TRP A 90 5.69 -15.66 19.46
C TRP A 90 4.67 -16.05 20.52
N PRO A 91 4.13 -17.26 20.40
CA PRO A 91 3.01 -17.65 21.29
C PRO A 91 3.41 -17.72 22.76
N GLU A 92 4.70 -17.87 23.04
CA GLU A 92 5.19 -17.91 24.42
C GLU A 92 5.07 -16.55 25.10
N LEU A 93 4.85 -15.50 24.31
CA LEU A 93 4.67 -14.16 24.84
C LEU A 93 3.24 -13.98 25.38
N THR A 94 2.97 -14.56 26.54
CA THR A 94 1.62 -14.65 27.08
C THR A 94 1.23 -13.49 28.00
N ALA A 95 2.18 -12.64 28.38
CA ALA A 95 1.86 -11.59 29.34
C ALA A 95 0.86 -10.57 28.77
N LYS A 96 -0.06 -10.11 29.62
CA LYS A 96 -1.24 -9.37 29.18
C LYS A 96 -0.95 -8.03 28.51
N GLN A 97 0.20 -7.43 28.83
CA GLN A 97 0.55 -6.14 28.24
C GLN A 97 0.79 -6.26 26.75
N TRP A 98 0.96 -7.48 26.24
CA TRP A 98 1.16 -7.69 24.81
C TRP A 98 -0.14 -7.71 24.03
N ASN A 99 -1.27 -7.81 24.72
CA ASN A 99 -2.57 -7.72 24.07
C ASN A 99 -2.67 -6.37 23.40
N GLY A 100 -2.81 -6.38 22.08
CA GLY A 100 -2.93 -5.12 21.37
C GLY A 100 -1.64 -4.60 20.78
N ILE A 101 -0.50 -5.22 21.08
CA ILE A 101 0.76 -4.81 20.46
C ILE A 101 0.99 -5.63 19.21
N THR A 102 0.96 -4.96 18.06
CA THR A 102 1.03 -5.63 16.76
C THR A 102 2.44 -5.56 16.17
N LEU A 103 2.67 -6.29 15.08
CA LEU A 103 3.94 -6.19 14.37
C LEU A 103 4.19 -4.74 13.92
N LEU A 104 3.14 -4.02 13.51
CA LEU A 104 3.31 -2.63 13.13
C LEU A 104 3.95 -1.85 14.26
N HIS A 105 3.45 -2.01 15.48
CA HIS A 105 4.00 -1.29 16.61
C HIS A 105 5.48 -1.61 16.82
N LEU A 106 5.84 -2.90 16.70
CA LEU A 106 7.24 -3.24 16.85
C LEU A 106 8.07 -2.59 15.77
N ALA A 107 7.61 -2.67 14.53
CA ALA A 107 8.39 -2.17 13.41
C ALA A 107 8.65 -0.67 13.47
N THR A 108 7.74 0.07 14.12
CA THR A 108 7.73 1.53 14.03
C THR A 108 7.98 2.20 15.39
N TYR A 109 8.43 1.42 16.39
CA TYR A 109 8.82 1.95 17.70
C TYR A 109 7.66 2.50 18.51
N THR A 110 6.45 1.98 18.26
CA THR A 110 5.23 2.54 18.87
C THR A 110 4.53 1.54 19.79
N ALA A 111 5.26 0.54 20.28
CA ALA A 111 4.68 -0.49 21.15
C ALA A 111 4.33 0.05 22.51
N GLY A 112 4.91 1.18 22.89
CA GLY A 112 4.64 1.78 24.18
C GLY A 112 5.81 1.90 25.13
N GLY A 113 7.02 2.07 24.59
CA GLY A 113 8.18 2.30 25.45
C GLY A 113 9.16 1.15 25.57
N LEU A 114 9.25 0.30 24.56
CA LEU A 114 10.37 -0.64 24.50
C LEU A 114 11.69 0.15 24.45
N PRO A 115 12.69 -0.34 25.17
CA PRO A 115 13.92 0.46 25.34
C PRO A 115 14.85 0.49 24.13
N LEU A 116 15.65 1.54 24.03
CA LEU A 116 16.61 1.65 22.95
C LEU A 116 17.42 0.37 22.77
N GLN A 117 17.94 -0.17 23.86
CA GLN A 117 18.76 -1.38 23.81
C GLN A 117 18.12 -2.55 24.52
N VAL A 118 18.33 -3.74 23.95
CA VAL A 118 18.17 -4.97 24.70
C VAL A 118 19.28 -4.98 25.74
N PRO A 119 18.94 -5.29 26.99
CA PRO A 119 19.97 -5.29 28.04
C PRO A 119 21.15 -6.23 27.71
N ASP A 120 22.37 -5.81 28.06
CA ASP A 120 23.58 -6.60 27.76
C ASP A 120 23.53 -7.98 28.41
N GLU A 121 22.85 -8.07 29.55
CA GLU A 121 22.69 -9.32 30.28
C GLU A 121 21.86 -10.35 29.52
N VAL A 122 21.15 -9.94 28.50
CA VAL A 122 20.39 -10.90 27.72
C VAL A 122 21.35 -11.64 26.78
N LYS A 123 21.61 -12.91 27.10
CA LYS A 123 22.62 -13.68 26.38
C LYS A 123 22.01 -14.93 25.75
N SER A 124 20.89 -15.35 26.29
CA SER A 124 20.26 -16.58 25.80
C SER A 124 18.87 -16.28 25.26
N SER A 125 18.32 -17.25 24.53
CA SER A 125 16.96 -17.15 24.04
C SER A 125 15.96 -17.06 25.19
N SER A 126 16.19 -17.86 26.25
CA SER A 126 15.34 -17.80 27.42
C SER A 126 15.41 -16.43 28.12
N ASP A 127 16.61 -15.82 28.15
CA ASP A 127 16.78 -14.47 28.67
C ASP A 127 15.94 -13.47 27.88
N LEU A 128 15.91 -13.62 26.55
CA LEU A 128 15.16 -12.71 25.69
C LEU A 128 13.65 -12.81 25.95
N LEU A 129 13.16 -14.04 26.07
CA LEU A 129 11.76 -14.25 26.38
C LEU A 129 11.40 -13.59 27.72
N ARG A 130 12.24 -13.80 28.74
CA ARG A 130 11.93 -13.21 30.04
C ARG A 130 11.90 -11.69 29.94
N PHE A 131 12.84 -11.12 29.20
CA PHE A 131 12.90 -9.68 29.02
C PHE A 131 11.58 -9.12 28.47
N TYR A 132 11.11 -9.70 27.37
CA TYR A 132 9.89 -9.18 26.77
C TYR A 132 8.66 -9.48 27.61
N GLN A 133 8.64 -10.66 28.24
CA GLN A 133 7.51 -11.01 29.12
C GLN A 133 7.41 -10.04 30.29
N ASN A 134 8.55 -9.60 30.83
CA ASN A 134 8.54 -8.77 32.03
C ASN A 134 8.51 -7.27 31.77
N TRP A 135 8.71 -6.88 30.51
CA TRP A 135 8.74 -5.48 30.14
C TRP A 135 7.37 -4.84 30.35
N GLN A 136 7.36 -3.69 31.02
CA GLN A 136 6.11 -2.96 31.23
C GLN A 136 6.05 -1.69 30.40
N PRO A 137 5.01 -1.56 29.55
CA PRO A 137 4.89 -0.33 28.74
C PRO A 137 4.55 0.88 29.59
N ALA A 138 5.11 2.01 29.19
CA ALA A 138 4.78 3.29 29.79
C ALA A 138 3.51 3.86 29.16
N TRP A 139 3.23 3.43 27.93
CA TRP A 139 2.17 4.04 27.13
C TRP A 139 1.36 2.98 26.42
N ALA A 140 0.10 3.30 26.13
CA ALA A 140 -0.73 2.43 25.32
C ALA A 140 -0.12 2.28 23.93
N PRO A 141 -0.36 1.15 23.26
CA PRO A 141 0.20 0.97 21.91
C PRO A 141 -0.28 2.06 20.95
N GLY A 142 0.60 2.46 20.05
CA GLY A 142 0.21 3.37 19.00
C GLY A 142 0.03 4.80 19.45
N THR A 143 0.68 5.18 20.55
CA THR A 143 0.52 6.54 21.07
C THR A 143 1.81 7.34 21.18
N GLN A 144 2.93 6.66 21.42
CA GLN A 144 4.22 7.33 21.53
C GLN A 144 5.27 6.56 20.76
N ARG A 145 6.15 7.30 20.09
CA ARG A 145 7.30 6.72 19.38
C ARG A 145 8.55 6.88 20.23
N LEU A 146 9.25 5.76 20.45
CA LEU A 146 10.52 5.79 21.16
C LEU A 146 11.45 4.90 20.38
N TYR A 147 12.40 5.49 19.67
CA TYR A 147 13.31 4.71 18.78
C TYR A 147 13.96 3.60 19.58
N ALA A 148 13.93 2.38 19.06
CA ALA A 148 14.32 1.25 19.90
C ALA A 148 14.77 0.04 19.09
N ASN A 149 15.97 -0.43 19.38
CA ASN A 149 16.47 -1.68 18.80
C ASN A 149 15.64 -2.85 19.31
N SER A 150 15.18 -2.77 20.55
CA SER A 150 14.43 -3.89 21.12
C SER A 150 13.06 -4.01 20.42
N SER A 151 12.62 -2.94 19.74
CA SER A 151 11.33 -2.91 19.06
C SER A 151 11.51 -3.44 17.63
N ILE A 152 12.25 -2.72 16.79
CA ILE A 152 12.38 -3.18 15.41
C ILE A 152 13.21 -4.45 15.30
N GLY A 153 14.09 -4.67 16.27
CA GLY A 153 14.88 -5.89 16.23
C GLY A 153 13.97 -7.09 16.40
N LEU A 154 13.01 -7.00 17.32
CA LEU A 154 12.06 -8.12 17.50
C LEU A 154 11.16 -8.23 16.28
N PHE A 155 10.74 -7.10 15.70
CA PHE A 155 10.02 -7.18 14.44
C PHE A 155 10.77 -8.00 13.40
N GLY A 156 12.06 -7.73 13.20
CA GLY A 156 12.80 -8.45 12.17
C GLY A 156 12.84 -9.93 12.47
N ALA A 157 13.06 -10.27 13.73
CA ALA A 157 13.16 -11.69 14.10
C ALA A 157 11.83 -12.41 13.85
N LEU A 158 10.73 -11.75 14.18
CA LEU A 158 9.41 -12.38 14.01
C LEU A 158 8.97 -12.40 12.56
N ALA A 159 9.40 -11.40 11.78
CA ALA A 159 8.93 -11.28 10.42
C ALA A 159 9.34 -12.46 9.56
N VAL A 160 10.48 -13.06 9.90
CA VAL A 160 11.02 -14.17 9.11
C VAL A 160 10.58 -15.55 9.64
N LYS A 161 9.88 -15.58 10.76
CA LYS A 161 9.54 -16.88 11.35
C LYS A 161 8.69 -17.80 10.44
N PRO A 162 7.62 -17.26 9.80
CA PRO A 162 6.81 -18.15 8.95
C PRO A 162 7.63 -18.78 7.82
N SER A 163 8.64 -18.08 7.32
CA SER A 163 9.47 -18.61 6.23
C SER A 163 10.31 -19.78 6.66
N GLY A 164 10.57 -19.88 7.97
CA GLY A 164 11.46 -20.90 8.50
C GLY A 164 12.93 -20.57 8.31
N LEU A 165 13.23 -19.45 7.65
CA LEU A 165 14.60 -19.02 7.43
C LEU A 165 15.14 -18.26 8.63
N SER A 166 16.43 -18.39 8.90
CA SER A 166 17.07 -17.47 9.84
C SER A 166 16.97 -16.06 9.28
N PHE A 167 17.06 -15.06 10.15
CA PHE A 167 17.06 -13.68 9.68
C PHE A 167 18.16 -13.45 8.62
N GLU A 168 19.38 -13.95 8.88
CA GLU A 168 20.48 -13.77 7.94
C GLU A 168 20.22 -14.46 6.60
N GLN A 169 19.72 -15.70 6.66
CA GLN A 169 19.41 -16.41 5.42
C GLN A 169 18.30 -15.71 4.63
N ALA A 170 17.26 -15.24 5.33
CA ALA A 170 16.18 -14.51 4.66
C ALA A 170 16.72 -13.24 4.00
N MET A 171 17.52 -12.49 4.75
CA MET A 171 18.07 -11.25 4.21
C MET A 171 18.91 -11.52 2.98
N GLN A 172 19.79 -12.52 3.06
CA GLN A 172 20.68 -12.82 1.93
C GLN A 172 19.91 -13.25 0.71
N THR A 173 18.98 -14.17 0.89
CA THR A 173 18.31 -14.76 -0.27
C THR A 173 17.19 -13.88 -0.82
N ARG A 174 16.57 -13.05 0.03
CA ARG A 174 15.39 -12.29 -0.40
C ARG A 174 15.64 -10.83 -0.68
N VAL A 175 16.75 -10.30 -0.17
CA VAL A 175 17.09 -8.89 -0.38
C VAL A 175 18.44 -8.74 -1.03
N PHE A 176 19.51 -9.24 -0.40
CA PHE A 176 20.84 -8.97 -0.93
C PHE A 176 21.03 -9.60 -2.30
N GLN A 177 20.68 -10.87 -2.44
CA GLN A 177 20.93 -11.56 -3.71
C GLN A 177 20.14 -10.99 -4.89
N PRO A 178 18.81 -10.83 -4.74
CA PRO A 178 18.06 -10.30 -5.89
C PRO A 178 18.51 -8.90 -6.32
N LEU A 179 18.98 -8.10 -5.38
CA LEU A 179 19.44 -6.75 -5.70
C LEU A 179 20.93 -6.70 -6.07
N LYS A 180 21.57 -7.87 -6.15
CA LYS A 180 22.99 -7.98 -6.48
C LYS A 180 23.87 -7.16 -5.56
N LEU A 181 23.56 -7.22 -4.28
CA LEU A 181 24.39 -6.62 -3.25
C LEU A 181 25.32 -7.71 -2.77
N ASN A 182 26.36 -7.96 -3.57
CA ASN A 182 27.24 -9.10 -3.35
C ASN A 182 28.39 -8.82 -2.40
N HIS A 183 28.43 -7.60 -1.88
CA HIS A 183 29.44 -7.22 -0.89
C HIS A 183 28.77 -6.54 0.28
N THR A 184 27.62 -7.09 0.66
CA THR A 184 26.84 -6.63 1.79
C THR A 184 26.57 -7.85 2.66
N TRP A 185 26.80 -7.68 3.96
CA TRP A 185 26.89 -8.83 4.87
C TRP A 185 26.33 -8.54 6.24
N ILE A 186 25.69 -9.53 6.85
CA ILE A 186 25.39 -9.47 8.28
C ILE A 186 26.57 -9.98 9.10
N ASN A 187 27.28 -10.99 8.58
CA ASN A 187 28.52 -11.46 9.16
C ASN A 187 29.58 -11.38 8.09
N VAL A 188 30.64 -10.61 8.33
CA VAL A 188 31.67 -10.43 7.31
C VAL A 188 32.41 -11.75 7.11
N PRO A 189 32.38 -12.32 5.89
CA PRO A 189 33.10 -13.58 5.65
C PRO A 189 34.61 -13.38 5.53
N PRO A 190 35.36 -14.46 5.77
CA PRO A 190 36.81 -14.36 5.69
C PRO A 190 37.29 -13.81 4.35
N ALA A 191 36.58 -14.12 3.26
CA ALA A 191 36.99 -13.65 1.94
C ALA A 191 37.01 -12.12 1.85
N GLU A 192 36.27 -11.45 2.73
CA GLU A 192 36.13 -9.99 2.69
C GLU A 192 36.90 -9.29 3.78
N GLU A 193 37.59 -10.04 4.63
CA GLU A 193 38.22 -9.41 5.78
C GLU A 193 39.23 -8.32 5.41
N LYS A 194 39.95 -8.49 4.29
CA LYS A 194 40.94 -7.50 3.89
C LYS A 194 40.31 -6.18 3.47
N ASN A 195 39.00 -6.19 3.19
CA ASN A 195 38.27 -4.97 2.84
C ASN A 195 37.49 -4.37 3.99
N TYR A 196 37.46 -5.03 5.15
CA TYR A 196 36.62 -4.57 6.27
C TYR A 196 37.38 -3.47 7.02
N ALA A 197 36.90 -2.24 6.92
CA ALA A 197 37.51 -1.14 7.65
C ALA A 197 37.47 -1.38 9.14
N TRP A 198 38.44 -0.81 9.86
CA TRP A 198 38.30 -0.63 11.30
C TRP A 198 37.48 0.59 11.60
N GLY A 199 36.66 0.52 12.66
CA GLY A 199 36.05 1.72 13.20
C GLY A 199 37.02 2.35 14.17
N TYR A 200 36.86 3.64 14.44
CA TYR A 200 37.76 4.33 15.37
C TYR A 200 36.94 5.05 16.42
N ARG A 201 37.25 4.76 17.68
CA ARG A 201 36.58 5.42 18.80
C ARG A 201 37.65 5.74 19.83
N GLU A 202 37.80 7.02 20.17
CA GLU A 202 38.78 7.48 21.15
C GLU A 202 40.17 6.97 20.76
N GLY A 203 40.42 6.93 19.45
CA GLY A 203 41.74 6.58 18.94
C GLY A 203 42.00 5.09 18.86
N LYS A 204 41.00 4.29 19.21
CA LYS A 204 41.18 2.84 19.17
C LYS A 204 40.39 2.22 18.03
N ALA A 205 40.99 1.22 17.40
CA ALA A 205 40.36 0.47 16.32
C ALA A 205 39.36 -0.50 16.92
N VAL A 206 38.11 -0.42 16.46
CA VAL A 206 37.05 -1.24 17.02
C VAL A 206 36.11 -1.75 15.93
N HIS A 207 35.53 -2.92 16.20
CA HIS A 207 34.42 -3.45 15.41
C HIS A 207 33.22 -3.65 16.34
N VAL A 208 32.04 -3.67 15.74
CA VAL A 208 30.80 -3.82 16.50
C VAL A 208 30.83 -5.09 17.34
N SER A 209 30.35 -4.98 18.58
CA SER A 209 30.29 -6.14 19.46
C SER A 209 29.03 -6.96 19.21
N PRO A 210 29.10 -8.27 19.44
CA PRO A 210 27.90 -9.10 19.33
C PRO A 210 26.85 -8.69 20.35
N GLY A 211 25.58 -8.73 19.98
CA GLY A 211 24.53 -8.47 20.94
C GLY A 211 23.22 -9.06 20.46
N ALA A 212 22.27 -9.19 21.38
CA ALA A 212 20.95 -9.70 21.01
C ALA A 212 20.30 -8.81 19.96
N LEU A 213 19.78 -9.44 18.90
CA LEU A 213 19.04 -8.73 17.86
C LEU A 213 19.95 -7.75 17.11
N ASP A 214 21.25 -7.98 17.15
CA ASP A 214 22.19 -7.11 16.44
C ASP A 214 21.96 -7.10 14.92
N ALA A 215 21.80 -8.27 14.33
CA ALA A 215 21.62 -8.35 12.87
C ALA A 215 20.44 -7.50 12.42
N GLU A 216 19.35 -7.60 13.18
CA GLU A 216 18.09 -6.99 12.83
C GLU A 216 18.11 -5.48 13.04
N ALA A 217 18.85 -5.01 14.03
CA ALA A 217 18.79 -3.61 14.41
C ALA A 217 19.97 -2.76 13.93
N TYR A 218 21.17 -3.35 13.82
CA TYR A 218 22.34 -2.52 13.50
C TYR A 218 23.50 -3.30 12.91
N GLY A 219 23.26 -4.48 12.33
CA GLY A 219 24.38 -5.36 12.04
C GLY A 219 24.84 -5.57 10.62
N VAL A 220 24.40 -4.75 9.67
CA VAL A 220 24.83 -4.91 8.28
C VAL A 220 26.13 -4.14 8.02
N LYS A 221 26.99 -4.75 7.21
CA LYS A 221 28.21 -4.11 6.72
C LYS A 221 28.10 -4.07 5.18
N SER A 222 28.55 -2.97 4.56
CA SER A 222 28.41 -2.84 3.11
C SER A 222 29.44 -1.88 2.53
N THR A 223 29.57 -1.91 1.22
CA THR A 223 30.48 -1.03 0.50
C THR A 223 29.73 0.15 -0.07
N ILE A 224 30.46 1.16 -0.51
CA ILE A 224 29.80 2.32 -1.07
C ILE A 224 29.08 1.98 -2.37
N GLU A 225 29.59 1.00 -3.12
CA GLU A 225 28.95 0.60 -4.36
C GLU A 225 27.63 -0.11 -4.08
N ASP A 226 27.64 -1.05 -3.15
CA ASP A 226 26.39 -1.75 -2.84
C ASP A 226 25.39 -0.77 -2.24
N MET A 227 25.86 0.19 -1.46
CA MET A 227 24.94 1.15 -0.87
C MET A 227 24.32 2.07 -1.90
N ALA A 228 25.08 2.41 -2.94
CA ALA A 228 24.51 3.19 -4.02
C ALA A 228 23.45 2.37 -4.74
N ARG A 229 23.71 1.08 -4.94
CA ARG A 229 22.71 0.21 -5.54
C ARG A 229 21.47 0.06 -4.65
N TRP A 230 21.67 0.05 -3.34
CA TRP A 230 20.55 0.03 -2.40
C TRP A 230 19.71 1.29 -2.57
N VAL A 231 20.34 2.45 -2.66
CA VAL A 231 19.59 3.68 -2.86
C VAL A 231 18.81 3.62 -4.19
N GLN A 232 19.46 3.17 -5.26
CA GLN A 232 18.79 3.10 -6.54
C GLN A 232 17.58 2.16 -6.49
N SER A 233 17.70 1.06 -5.74
CA SER A 233 16.59 0.12 -5.61
C SER A 233 15.41 0.74 -4.87
N ASN A 234 15.70 1.60 -3.89
CA ASN A 234 14.65 2.29 -3.15
C ASN A 234 14.10 3.51 -3.89
N LEU A 235 14.88 4.07 -4.83
CA LEU A 235 14.42 5.13 -5.72
C LEU A 235 13.50 4.62 -6.84
N LYS A 236 13.77 3.41 -7.30
CA LYS A 236 13.06 2.85 -8.45
C LYS A 236 12.61 1.42 -8.20
N PRO A 237 11.68 1.25 -7.24
CA PRO A 237 11.27 -0.11 -6.88
C PRO A 237 10.62 -0.85 -8.05
N LEU A 238 10.00 -0.14 -8.97
CA LEU A 238 9.32 -0.87 -10.06
C LEU A 238 10.27 -1.47 -11.09
N ASP A 239 11.55 -1.14 -10.98
CA ASP A 239 12.57 -1.79 -11.81
C ASP A 239 13.04 -3.13 -11.24
N ILE A 240 12.61 -3.44 -10.02
CA ILE A 240 12.96 -4.71 -9.41
C ILE A 240 12.05 -5.81 -9.95
N ASN A 241 12.65 -6.90 -10.41
CA ASN A 241 11.88 -7.92 -11.09
C ASN A 241 11.07 -8.79 -10.15
N GLU A 242 11.58 -9.02 -8.94
CA GLU A 242 10.91 -9.88 -7.97
C GLU A 242 9.74 -9.12 -7.37
N LYS A 243 8.53 -9.58 -7.65
CA LYS A 243 7.32 -8.83 -7.29
C LYS A 243 7.22 -8.53 -5.80
N THR A 244 7.53 -9.51 -4.95
CA THR A 244 7.35 -9.29 -3.51
C THR A 244 8.36 -8.28 -2.98
N LEU A 245 9.55 -8.25 -3.58
CA LEU A 245 10.59 -7.34 -3.11
C LEU A 245 10.28 -5.92 -3.62
N GLN A 246 9.81 -5.85 -4.85
CA GLN A 246 9.30 -4.60 -5.42
C GLN A 246 8.24 -4.00 -4.49
N GLN A 247 7.29 -4.82 -4.06
CA GLN A 247 6.25 -4.35 -3.15
C GLN A 247 6.81 -4.01 -1.78
N GLY A 248 7.70 -4.86 -1.26
CA GLY A 248 8.25 -4.63 0.07
C GLY A 248 9.00 -3.31 0.21
N ILE A 249 9.75 -2.94 -0.83
CA ILE A 249 10.44 -1.66 -0.85
C ILE A 249 9.41 -0.55 -0.70
N GLN A 250 8.32 -0.63 -1.44
CA GLN A 250 7.31 0.41 -1.38
C GLN A 250 6.63 0.46 0.01
N LEU A 251 6.36 -0.71 0.59
CA LEU A 251 5.72 -0.74 1.90
C LEU A 251 6.61 -0.08 2.97
N ALA A 252 7.93 -0.16 2.80
CA ALA A 252 8.83 0.42 3.79
C ALA A 252 8.82 1.93 3.75
N GLN A 253 8.38 2.50 2.63
CA GLN A 253 8.25 3.96 2.51
C GLN A 253 6.82 4.47 2.70
N SER A 254 5.90 3.58 3.05
CA SER A 254 4.58 4.06 3.45
C SER A 254 4.66 4.87 4.75
N ARG A 255 3.73 5.81 4.92
CA ARG A 255 3.78 6.69 6.07
C ARG A 255 2.77 6.23 7.10
N TYR A 256 3.26 5.62 8.18
CA TYR A 256 2.41 4.98 9.19
C TYR A 256 2.05 5.90 10.37
N TRP A 257 2.97 6.79 10.74
CA TRP A 257 2.82 7.66 11.90
C TRP A 257 3.45 8.99 11.55
N GLN A 258 2.98 10.05 12.19
CA GLN A 258 3.61 11.36 12.07
C GLN A 258 4.00 11.86 13.45
N THR A 259 5.24 12.34 13.59
CA THR A 259 5.60 13.16 14.74
C THR A 259 6.35 14.37 14.24
N GLY A 260 5.88 15.54 14.64
CA GLY A 260 6.42 16.77 14.09
C GLY A 260 6.24 16.75 12.59
N ASP A 261 7.31 17.01 11.86
CA ASP A 261 7.20 16.99 10.41
C ASP A 261 7.75 15.70 9.80
N MET A 262 8.01 14.69 10.63
N MET A 262 8.02 14.69 10.64
CA MET A 262 8.49 13.46 10.02
CA MET A 262 8.54 13.43 10.12
C MET A 262 7.46 12.35 10.07
C MET A 262 7.52 12.28 10.15
N TYR A 263 7.63 11.41 9.16
CA TYR A 263 6.76 10.27 9.03
C TYR A 263 7.58 9.01 9.19
N GLN A 264 7.05 8.08 9.94
CA GLN A 264 7.75 6.82 10.18
C GLN A 264 7.34 5.75 9.16
N GLY A 265 8.32 5.20 8.44
CA GLY A 265 8.14 4.05 7.57
C GLY A 265 8.61 2.78 8.26
N LEU A 266 8.96 1.76 7.48
CA LEU A 266 9.58 0.56 8.06
C LEU A 266 11.10 0.75 7.88
N GLY A 267 11.75 1.18 8.96
CA GLY A 267 13.18 1.48 8.89
C GLY A 267 13.42 2.89 8.37
N TRP A 268 13.03 3.15 7.12
CA TRP A 268 13.10 4.50 6.57
C TRP A 268 12.24 5.50 7.36
N GLU A 269 12.70 6.75 7.36
CA GLU A 269 11.91 7.89 7.82
C GLU A 269 11.76 8.86 6.67
N MET A 270 10.69 9.65 6.66
CA MET A 270 10.38 10.47 5.51
C MET A 270 9.88 11.83 5.93
N LEU A 271 10.20 12.84 5.13
CA LEU A 271 9.58 14.17 5.28
C LEU A 271 9.11 14.60 3.90
N ASP A 272 8.13 15.50 3.85
CA ASP A 272 7.75 16.03 2.56
C ASP A 272 8.89 16.84 1.95
N TRP A 273 9.08 16.72 0.64
CA TRP A 273 10.03 17.53 -0.11
C TRP A 273 9.24 18.63 -0.82
N PRO A 274 9.72 19.89 -0.77
CA PRO A 274 10.97 20.38 -0.17
C PRO A 274 10.94 20.39 1.35
N VAL A 275 12.08 20.12 1.96
CA VAL A 275 12.19 20.07 3.41
C VAL A 275 12.72 21.41 3.90
N ASN A 276 12.41 21.72 5.15
CA ASN A 276 13.13 22.76 5.87
C ASN A 276 14.43 22.13 6.35
N PRO A 277 15.58 22.61 5.86
CA PRO A 277 16.83 21.95 6.27
C PRO A 277 17.04 21.96 7.78
N ASP A 278 16.60 23.01 8.47
CA ASP A 278 16.72 23.03 9.93
C ASP A 278 15.99 21.86 10.58
N SER A 279 14.85 21.48 10.01
N SER A 279 14.83 21.52 10.02
CA SER A 279 14.05 20.42 10.59
CA SER A 279 14.02 20.40 10.51
C SER A 279 14.72 19.05 10.49
C SER A 279 14.81 19.11 10.51
N ILE A 280 15.34 18.75 9.34
CA ILE A 280 16.06 17.49 9.23
C ILE A 280 17.42 17.53 9.94
N ILE A 281 18.11 18.66 9.86
CA ILE A 281 19.40 18.76 10.53
C ILE A 281 19.22 18.71 12.05
N ASN A 282 18.39 19.58 12.62
CA ASN A 282 18.21 19.60 14.05
C ASN A 282 17.49 18.34 14.52
N GLY A 283 16.52 17.91 13.71
CA GLY A 283 15.76 16.71 14.03
C GLY A 283 16.60 15.44 14.08
N SER A 284 17.75 15.46 13.43
CA SER A 284 18.61 14.28 13.39
C SER A 284 19.42 14.14 14.68
N ASP A 285 19.57 15.22 15.43
CA ASP A 285 20.31 15.17 16.67
C ASP A 285 19.61 14.15 17.57
N ASN A 286 20.39 13.32 18.25
CA ASN A 286 19.81 12.32 19.16
C ASN A 286 18.93 12.91 20.25
N LYS A 287 19.12 14.19 20.59
CA LYS A 287 18.26 14.84 21.59
C LYS A 287 16.79 14.85 21.14
N ILE A 288 16.57 14.79 19.83
CA ILE A 288 15.23 14.66 19.26
C ILE A 288 14.98 13.25 18.75
N ALA A 289 15.92 12.71 17.98
CA ALA A 289 15.75 11.42 17.31
C ALA A 289 15.54 10.23 18.27
N LEU A 290 16.13 10.30 19.46
CA LEU A 290 15.99 9.24 20.46
C LEU A 290 14.96 9.54 21.56
N ALA A 291 14.30 10.69 21.47
CA ALA A 291 13.32 11.10 22.48
C ALA A 291 11.95 10.41 22.29
N ALA A 292 11.23 10.23 23.39
CA ALA A 292 9.84 9.75 23.33
C ALA A 292 8.95 10.91 22.87
N ARG A 293 8.21 10.71 21.78
CA ARG A 293 7.34 11.74 21.24
C ARG A 293 5.96 11.18 20.90
N PRO A 294 4.92 11.98 21.12
CA PRO A 294 3.57 11.56 20.69
C PRO A 294 3.51 11.36 19.19
N VAL A 295 2.77 10.34 18.75
CA VAL A 295 2.54 10.13 17.33
C VAL A 295 1.07 10.28 16.98
N LYS A 296 0.84 10.78 15.78
CA LYS A 296 -0.47 10.75 15.16
C LYS A 296 -0.50 9.55 14.20
N ALA A 297 -1.52 8.72 14.33
CA ALA A 297 -1.71 7.65 13.36
C ALA A 297 -2.11 8.20 12.02
N ILE A 298 -1.50 7.67 10.97
N ILE A 298 -1.50 7.68 10.97
CA ILE A 298 -1.96 8.00 9.62
CA ILE A 298 -1.93 8.02 9.61
C ILE A 298 -2.88 6.88 9.20
C ILE A 298 -2.87 6.88 9.19
N THR A 299 -4.17 7.20 9.15
CA THR A 299 -5.20 6.19 9.04
C THR A 299 -6.01 6.37 7.78
N PRO A 300 -5.73 5.57 6.72
CA PRO A 300 -4.69 4.53 6.64
C PRO A 300 -3.37 5.12 6.18
N PRO A 301 -2.29 4.36 6.28
CA PRO A 301 -0.97 4.85 5.90
C PRO A 301 -0.93 5.32 4.48
N THR A 302 -0.22 6.41 4.23
CA THR A 302 -0.10 6.92 2.87
C THR A 302 0.88 6.05 2.11
N PRO A 303 0.55 5.66 0.88
CA PRO A 303 1.54 4.90 0.10
C PRO A 303 2.76 5.79 -0.15
N ALA A 304 3.89 5.18 -0.47
CA ALA A 304 5.14 5.88 -0.61
C ALA A 304 4.98 7.15 -1.45
N VAL A 305 5.36 8.29 -0.87
CA VAL A 305 5.17 9.60 -1.51
C VAL A 305 6.42 9.99 -2.31
N ARG A 306 6.23 10.29 -3.59
CA ARG A 306 7.37 10.56 -4.46
C ARG A 306 8.14 11.80 -4.02
N ALA A 307 7.41 12.85 -3.66
CA ALA A 307 8.02 14.09 -3.22
C ALA A 307 8.35 14.03 -1.74
N SER A 308 9.33 13.19 -1.42
CA SER A 308 9.77 13.00 -0.05
C SER A 308 11.27 13.09 0.00
N TRP A 309 11.77 13.54 1.15
CA TRP A 309 13.15 13.30 1.58
C TRP A 309 13.08 12.03 2.43
N VAL A 310 13.70 10.96 1.94
CA VAL A 310 13.67 9.66 2.61
C VAL A 310 15.07 9.41 3.17
N HIS A 311 15.20 9.07 4.44
CA HIS A 311 16.54 8.97 4.98
C HIS A 311 16.67 8.11 6.23
N LYS A 312 17.91 7.86 6.64
CA LYS A 312 18.20 7.12 7.85
C LYS A 312 19.64 7.41 8.27
N THR A 313 19.81 7.83 9.51
CA THR A 313 21.12 7.88 10.14
C THR A 313 21.43 6.56 10.82
N GLY A 314 22.71 6.25 11.01
CA GLY A 314 23.04 5.10 11.81
C GLY A 314 24.50 5.03 12.15
N ALA A 315 24.82 4.43 13.30
CA ALA A 315 26.20 4.39 13.76
C ALA A 315 26.45 3.08 14.51
N THR A 316 27.73 2.75 14.67
CA THR A 316 28.15 1.80 15.68
C THR A 316 29.20 2.54 16.52
N GLY A 317 29.83 1.85 17.46
CA GLY A 317 30.82 2.55 18.29
C GLY A 317 31.89 3.24 17.47
N GLY A 318 32.27 2.66 16.34
CA GLY A 318 33.35 3.18 15.51
C GLY A 318 33.00 3.69 14.14
N PHE A 319 31.71 3.76 13.80
CA PHE A 319 31.30 4.15 12.45
C PHE A 319 30.11 5.12 12.50
N GLY A 320 29.94 5.91 11.44
CA GLY A 320 28.80 6.80 11.33
C GLY A 320 28.42 6.89 9.87
N SER A 321 27.16 6.60 9.58
N SER A 321 27.13 6.66 9.60
CA SER A 321 26.68 6.58 8.20
CA SER A 321 26.61 6.55 8.24
C SER A 321 25.37 7.35 8.05
C SER A 321 25.34 7.35 8.06
N TYR A 322 25.05 7.68 6.81
CA TYR A 322 23.80 8.37 6.51
C TYR A 322 23.43 8.07 5.09
N VAL A 323 22.14 7.90 4.84
CA VAL A 323 21.61 7.71 3.50
C VAL A 323 20.40 8.61 3.37
N ALA A 324 20.28 9.32 2.24
CA ALA A 324 19.09 10.13 1.96
C ALA A 324 18.81 10.10 0.47
N PHE A 325 17.53 10.14 0.10
CA PHE A 325 17.17 10.19 -1.31
C PHE A 325 15.82 10.84 -1.51
N ILE A 326 15.60 11.31 -2.73
CA ILE A 326 14.37 12.03 -3.10
C ILE A 326 13.80 11.36 -4.35
N PRO A 327 12.80 10.49 -4.18
CA PRO A 327 12.29 9.72 -5.33
C PRO A 327 11.90 10.59 -6.53
N GLU A 328 11.21 11.70 -6.29
CA GLU A 328 10.76 12.56 -7.39
C GLU A 328 11.91 13.10 -8.23
N LYS A 329 13.09 13.21 -7.64
CA LYS A 329 14.26 13.75 -8.35
C LYS A 329 15.27 12.68 -8.81
N GLU A 330 15.00 11.41 -8.51
CA GLU A 330 15.94 10.33 -8.86
C GLU A 330 17.34 10.61 -8.31
N LEU A 331 17.37 11.14 -7.10
CA LEU A 331 18.58 11.71 -6.53
C LEU A 331 18.80 11.14 -5.14
N GLY A 332 20.04 10.76 -4.84
CA GLY A 332 20.33 10.27 -3.50
C GLY A 332 21.81 10.38 -3.13
N ILE A 333 22.11 10.12 -1.87
CA ILE A 333 23.47 10.18 -1.36
C ILE A 333 23.67 9.11 -0.29
N VAL A 334 24.88 8.56 -0.25
CA VAL A 334 25.29 7.67 0.81
C VAL A 334 26.58 8.26 1.38
N MET A 335 26.69 8.38 2.69
CA MET A 335 27.92 8.81 3.36
C MET A 335 28.32 7.77 4.39
N LEU A 336 29.46 7.10 4.19
CA LEU A 336 29.94 6.09 5.14
C LEU A 336 31.27 6.56 5.73
N ALA A 337 31.41 6.51 7.04
CA ALA A 337 32.66 6.92 7.69
C ALA A 337 32.99 5.97 8.82
N ASN A 338 34.29 5.79 9.06
CA ASN A 338 34.74 4.98 10.19
C ASN A 338 35.07 5.80 11.44
N LYS A 339 34.17 6.75 11.72
CA LYS A 339 34.07 7.37 13.03
C LYS A 339 32.61 7.73 13.25
N ASN A 340 32.10 7.53 14.47
CA ASN A 340 30.75 7.97 14.83
C ASN A 340 30.78 9.47 15.15
N TYR A 341 30.51 10.30 14.17
CA TYR A 341 30.53 11.76 14.34
C TYR A 341 29.07 12.23 14.31
N PRO A 342 28.79 13.42 14.85
CA PRO A 342 27.39 13.75 15.15
C PRO A 342 26.41 13.75 13.97
N ASN A 343 25.22 13.19 14.18
CA ASN A 343 24.21 13.15 13.12
C ASN A 343 23.99 14.48 12.38
N PRO A 344 23.86 15.61 13.11
CA PRO A 344 23.51 16.83 12.36
C PRO A 344 24.57 17.22 11.34
N ALA A 345 25.84 16.93 11.62
CA ALA A 345 26.91 17.18 10.65
C ALA A 345 26.70 16.34 9.38
N ARG A 346 26.25 15.09 9.55
CA ARG A 346 25.97 14.23 8.39
C ARG A 346 24.85 14.83 7.55
N VAL A 347 23.75 15.16 8.22
CA VAL A 347 22.56 15.60 7.51
C VAL A 347 22.79 16.96 6.85
N ASP A 348 23.48 17.85 7.55
CA ASP A 348 23.84 19.14 6.96
C ASP A 348 24.64 18.98 5.67
N ALA A 349 25.64 18.11 5.69
CA ALA A 349 26.47 17.88 4.51
C ALA A 349 25.63 17.30 3.38
N ALA A 350 24.80 16.30 3.69
CA ALA A 350 23.95 15.69 2.68
C ALA A 350 22.99 16.69 2.05
N TRP A 351 22.38 17.53 2.88
CA TRP A 351 21.42 18.47 2.33
C TRP A 351 22.13 19.50 1.45
N GLN A 352 23.31 19.95 1.86
CA GLN A 352 24.05 20.90 1.03
C GLN A 352 24.33 20.30 -0.33
N ILE A 353 24.74 19.03 -0.35
CA ILE A 353 25.04 18.38 -1.61
C ILE A 353 23.77 18.19 -2.45
N LEU A 354 22.73 17.58 -1.87
CA LEU A 354 21.55 17.29 -2.68
C LEU A 354 20.80 18.56 -3.10
N ASN A 355 20.76 19.55 -2.23
CA ASN A 355 20.10 20.80 -2.59
C ASN A 355 20.82 21.52 -3.74
N ALA A 356 22.15 21.42 -3.79
CA ALA A 356 22.88 22.05 -4.87
C ALA A 356 22.68 21.32 -6.19
N LEU A 357 22.38 20.01 -6.13
CA LEU A 357 22.19 19.20 -7.32
C LEU A 357 20.76 19.09 -7.83
N GLN A 358 19.77 19.19 -6.94
CA GLN A 358 18.37 19.01 -7.33
C GLN A 358 17.87 20.15 -8.20
N ALA B 1 -9.47 -27.02 -22.21
CA ALA B 1 -10.12 -26.11 -21.27
C ALA B 1 -11.49 -25.59 -21.73
N PRO B 2 -11.60 -25.04 -22.97
CA PRO B 2 -12.89 -24.48 -23.41
C PRO B 2 -14.07 -25.46 -23.37
N GLN B 3 -13.84 -26.74 -23.66
CA GLN B 3 -14.91 -27.72 -23.56
C GLN B 3 -15.48 -27.69 -22.14
N GLN B 4 -14.58 -27.66 -21.16
CA GLN B 4 -14.98 -27.65 -19.77
C GLN B 4 -15.62 -26.32 -19.41
N ILE B 5 -15.07 -25.22 -19.94
CA ILE B 5 -15.65 -23.90 -19.67
C ILE B 5 -17.04 -23.78 -20.28
N ASN B 6 -17.20 -24.14 -21.56
CA ASN B 6 -18.53 -24.10 -22.17
C ASN B 6 -19.55 -24.93 -21.39
N ASP B 7 -19.15 -26.11 -20.94
CA ASP B 7 -20.09 -27.01 -20.30
C ASP B 7 -20.58 -26.43 -18.98
N ILE B 8 -19.66 -25.98 -18.14
CA ILE B 8 -20.07 -25.51 -16.84
C ILE B 8 -20.87 -24.21 -16.99
N VAL B 9 -20.45 -23.34 -17.91
CA VAL B 9 -21.21 -22.11 -18.14
C VAL B 9 -22.62 -22.41 -18.65
N HIS B 10 -22.72 -23.28 -19.66
CA HIS B 10 -24.04 -23.56 -20.23
C HIS B 10 -24.98 -24.19 -19.20
N ARG B 11 -24.48 -25.19 -18.48
CA ARG B 11 -25.31 -25.90 -17.50
C ARG B 11 -25.63 -25.07 -16.26
N THR B 12 -24.86 -24.00 -16.05
CA THR B 12 -25.15 -23.15 -14.91
C THR B 12 -26.03 -21.97 -15.32
N ILE B 13 -25.70 -21.32 -16.42
CA ILE B 13 -26.34 -20.06 -16.76
C ILE B 13 -27.69 -20.25 -17.45
N THR B 14 -27.81 -21.27 -18.31
CA THR B 14 -29.10 -21.43 -18.98
C THR B 14 -30.27 -21.73 -18.03
N PRO B 15 -30.07 -22.57 -17.00
CA PRO B 15 -31.20 -22.71 -16.07
C PRO B 15 -31.46 -21.45 -15.25
N LEU B 16 -30.41 -20.68 -14.98
CA LEU B 16 -30.59 -19.43 -14.26
C LEU B 16 -31.50 -18.50 -15.06
N ILE B 17 -31.22 -18.40 -16.35
CA ILE B 17 -31.99 -17.53 -17.24
C ILE B 17 -33.46 -17.95 -17.25
N GLU B 18 -33.71 -19.26 -17.27
CA GLU B 18 -35.08 -19.77 -17.27
C GLU B 18 -35.77 -19.51 -15.92
N GLN B 19 -35.08 -19.83 -14.84
CA GLN B 19 -35.62 -19.65 -13.49
C GLN B 19 -35.97 -18.20 -13.20
N GLN B 20 -35.10 -17.30 -13.62
CA GLN B 20 -35.26 -15.87 -13.32
C GLN B 20 -35.94 -15.08 -14.42
N LYS B 21 -36.27 -15.75 -15.52
CA LYS B 21 -36.89 -15.09 -16.68
C LYS B 21 -36.10 -13.87 -17.15
N ILE B 22 -34.81 -14.08 -17.37
CA ILE B 22 -33.93 -13.00 -17.77
C ILE B 22 -34.02 -12.82 -19.29
N PRO B 23 -34.34 -11.60 -19.76
CA PRO B 23 -34.51 -11.43 -21.21
C PRO B 23 -33.22 -11.58 -22.02
N GLY B 24 -32.13 -11.03 -21.47
CA GLY B 24 -30.85 -11.02 -22.15
C GLY B 24 -29.72 -11.07 -21.16
N MET B 25 -28.64 -11.76 -21.54
CA MET B 25 -27.55 -11.94 -20.60
C MET B 25 -26.24 -12.12 -21.34
N ALA B 26 -25.16 -11.57 -20.80
CA ALA B 26 -23.82 -11.84 -21.32
C ALA B 26 -22.92 -12.29 -20.16
N VAL B 27 -22.09 -13.29 -20.41
CA VAL B 27 -21.16 -13.79 -19.40
C VAL B 27 -19.76 -13.86 -19.99
N ALA B 28 -18.77 -13.45 -19.20
CA ALA B 28 -17.36 -13.67 -19.59
C ALA B 28 -16.70 -14.47 -18.51
N VAL B 29 -15.96 -15.50 -18.92
CA VAL B 29 -15.09 -16.19 -17.98
C VAL B 29 -13.66 -15.85 -18.38
N ILE B 30 -12.86 -15.44 -17.40
CA ILE B 30 -11.45 -15.18 -17.63
C ILE B 30 -10.72 -16.34 -16.99
N TYR B 31 -10.02 -17.10 -17.84
CA TYR B 31 -9.38 -18.35 -17.42
C TYR B 31 -7.94 -18.26 -17.90
N GLN B 32 -7.01 -18.32 -16.95
CA GLN B 32 -5.58 -18.20 -17.23
C GLN B 32 -5.26 -16.98 -18.10
N GLY B 33 -5.90 -15.86 -17.77
CA GLY B 33 -5.66 -14.62 -18.49
C GLY B 33 -6.32 -14.45 -19.86
N LYS B 34 -7.16 -15.39 -20.29
CA LYS B 34 -7.82 -15.25 -21.58
C LYS B 34 -9.32 -15.24 -21.38
N PRO B 35 -10.05 -14.46 -22.20
CA PRO B 35 -11.51 -14.37 -22.01
C PRO B 35 -12.30 -15.34 -22.87
N TYR B 36 -13.43 -15.78 -22.35
CA TYR B 36 -14.34 -16.67 -23.04
C TYR B 36 -15.73 -16.09 -22.87
N TYR B 37 -16.41 -15.83 -23.98
CA TYR B 37 -17.65 -15.08 -23.94
C TYR B 37 -18.86 -15.91 -24.30
N PHE B 38 -19.98 -15.52 -23.74
CA PHE B 38 -21.24 -16.20 -23.97
C PHE B 38 -22.35 -15.17 -23.95
N THR B 39 -23.29 -15.28 -24.89
CA THR B 39 -24.41 -14.35 -24.95
C THR B 39 -25.71 -15.13 -25.15
N TRP B 40 -26.79 -14.58 -24.62
CA TRP B 40 -28.11 -15.17 -24.81
C TRP B 40 -29.17 -14.10 -24.85
N GLY B 41 -30.25 -14.36 -25.60
CA GLY B 41 -31.45 -13.57 -25.46
C GLY B 41 -31.40 -12.20 -26.11
N TYR B 42 -32.25 -11.31 -25.61
CA TYR B 42 -32.45 -10.00 -26.26
C TYR B 42 -32.00 -8.83 -25.42
N ALA B 43 -31.35 -7.88 -26.09
CA ALA B 43 -31.02 -6.56 -25.52
C ALA B 43 -32.26 -5.68 -25.57
N ASP B 44 -33.10 -5.91 -26.58
CA ASP B 44 -34.31 -5.12 -26.78
C ASP B 44 -35.36 -6.13 -27.24
N ILE B 45 -36.32 -6.44 -26.38
CA ILE B 45 -37.33 -7.45 -26.70
C ILE B 45 -38.21 -7.04 -27.89
N ALA B 46 -38.75 -5.83 -27.82
CA ALA B 46 -39.67 -5.32 -28.85
C ALA B 46 -39.06 -5.33 -30.24
N LYS B 47 -37.77 -5.00 -30.34
CA LYS B 47 -37.10 -4.95 -31.63
C LYS B 47 -36.47 -6.29 -31.95
N LYS B 48 -36.57 -7.23 -31.01
CA LYS B 48 -35.93 -8.53 -31.13
C LYS B 48 -34.45 -8.37 -31.50
N GLN B 49 -33.77 -7.48 -30.78
CA GLN B 49 -32.34 -7.27 -30.95
C GLN B 49 -31.56 -8.16 -29.98
N PRO B 50 -30.74 -9.07 -30.50
CA PRO B 50 -29.98 -9.97 -29.63
C PRO B 50 -28.94 -9.24 -28.80
N VAL B 51 -28.71 -9.77 -27.61
CA VAL B 51 -27.49 -9.45 -26.89
C VAL B 51 -26.28 -9.90 -27.72
N THR B 52 -25.29 -9.02 -27.83
CA THR B 52 -24.04 -9.37 -28.50
C THR B 52 -22.88 -8.99 -27.57
N GLN B 53 -21.66 -9.27 -27.99
CA GLN B 53 -20.53 -8.83 -27.18
C GLN B 53 -20.33 -7.31 -27.21
N GLN B 54 -21.12 -6.61 -28.03
CA GLN B 54 -21.07 -5.16 -28.13
C GLN B 54 -22.20 -4.49 -27.37
N THR B 55 -23.09 -5.27 -26.76
CA THR B 55 -24.22 -4.71 -26.02
C THR B 55 -23.75 -4.04 -24.73
N LEU B 56 -24.17 -2.80 -24.52
CA LEU B 56 -23.92 -2.12 -23.25
C LEU B 56 -25.02 -2.43 -22.23
N PHE B 57 -24.61 -2.79 -21.04
CA PHE B 57 -25.51 -3.02 -19.89
C PHE B 57 -25.24 -1.96 -18.86
N GLU B 58 -26.26 -1.60 -18.09
CA GLU B 58 -26.05 -0.75 -16.90
C GLU B 58 -25.43 -1.60 -15.79
N LEU B 59 -24.24 -1.23 -15.35
CA LEU B 59 -23.55 -1.98 -14.29
C LEU B 59 -24.14 -1.76 -12.90
N GLY B 60 -24.92 -0.68 -12.75
CA GLY B 60 -25.42 -0.35 -11.43
C GLY B 60 -24.25 -0.27 -10.45
N SER B 61 -24.44 -0.82 -9.25
CA SER B 61 -23.40 -0.67 -8.22
C SER B 61 -22.06 -1.33 -8.52
N VAL B 62 -21.94 -2.14 -9.56
CA VAL B 62 -20.62 -2.62 -9.97
C VAL B 62 -19.76 -1.40 -10.36
N SER B 63 -20.39 -0.29 -10.72
CA SER B 63 -19.67 0.97 -10.99
C SER B 63 -18.75 1.40 -9.84
N LYS B 64 -19.12 1.05 -8.62
CA LYS B 64 -18.32 1.43 -7.47
C LYS B 64 -16.89 0.91 -7.56
N THR B 65 -16.68 -0.20 -8.26
CA THR B 65 -15.31 -0.69 -8.42
C THR B 65 -14.49 0.29 -9.27
N PHE B 66 -15.10 0.91 -10.27
CA PHE B 66 -14.42 1.94 -11.05
C PHE B 66 -14.17 3.16 -10.18
N THR B 67 -15.16 3.58 -9.39
CA THR B 67 -14.96 4.71 -8.49
C THR B 67 -13.83 4.44 -7.49
N GLY B 68 -13.77 3.21 -6.96
CA GLY B 68 -12.71 2.89 -6.02
C GLY B 68 -11.31 2.93 -6.65
N VAL B 69 -11.17 2.36 -7.84
CA VAL B 69 -9.92 2.39 -8.58
C VAL B 69 -9.52 3.81 -8.97
N LEU B 70 -10.48 4.62 -9.41
CA LEU B 70 -10.19 6.02 -9.75
C LEU B 70 -9.68 6.76 -8.49
N GLY B 71 -10.29 6.48 -7.34
CA GLY B 71 -9.85 7.04 -6.08
C GLY B 71 -8.44 6.55 -5.76
N GLY B 72 -8.19 5.26 -5.97
CA GLY B 72 -6.84 4.75 -5.75
C GLY B 72 -5.81 5.42 -6.65
N ASP B 73 -6.15 5.65 -7.90
CA ASP B 73 -5.25 6.34 -8.83
C ASP B 73 -4.97 7.77 -8.36
N ALA B 74 -5.98 8.44 -7.79
CA ALA B 74 -5.80 9.80 -7.29
C ALA B 74 -4.85 9.79 -6.07
N ILE B 75 -4.94 8.77 -5.23
CA ILE B 75 -3.99 8.64 -4.12
C ILE B 75 -2.59 8.47 -4.70
N ALA B 76 -2.44 7.57 -5.69
CA ALA B 76 -1.13 7.30 -6.28
C ALA B 76 -0.54 8.52 -6.94
N ARG B 77 -1.40 9.38 -7.48
CA ARG B 77 -0.96 10.63 -8.10
C ARG B 77 -0.56 11.68 -7.07
N GLY B 78 -0.82 11.41 -5.79
CA GLY B 78 -0.51 12.39 -4.75
C GLY B 78 -1.54 13.50 -4.64
N GLU B 79 -2.74 13.29 -5.22
CA GLU B 79 -3.80 14.29 -5.20
C GLU B 79 -4.64 14.27 -3.94
N ILE B 80 -4.86 13.07 -3.39
CA ILE B 80 -5.65 12.92 -2.18
C ILE B 80 -4.99 11.88 -1.28
N LYS B 81 -5.35 11.91 0.00
CA LYS B 81 -5.00 10.84 0.93
C LYS B 81 -6.29 10.36 1.59
N LEU B 82 -6.42 9.06 1.79
CA LEU B 82 -7.60 8.53 2.48
C LEU B 82 -7.68 8.97 3.93
N SER B 83 -6.53 9.34 4.50
CA SER B 83 -6.49 9.85 5.85
C SER B 83 -6.95 11.30 5.98
N ASP B 84 -7.18 11.99 4.85
CA ASP B 84 -7.55 13.40 4.91
C ASP B 84 -8.99 13.57 5.34
N PRO B 85 -9.27 14.62 6.13
CA PRO B 85 -10.68 14.93 6.43
C PRO B 85 -11.45 15.29 5.18
N THR B 86 -12.71 14.91 5.15
CA THR B 86 -13.64 15.28 4.09
C THR B 86 -13.58 16.77 3.83
N THR B 87 -13.51 17.55 4.90
CA THR B 87 -13.56 19.01 4.80
C THR B 87 -12.36 19.61 4.05
N LYS B 88 -11.26 18.89 3.97
CA LYS B 88 -10.13 19.39 3.19
C LYS B 88 -10.51 19.64 1.73
N TYR B 89 -11.39 18.78 1.20
CA TYR B 89 -11.78 18.82 -0.20
C TYR B 89 -13.15 19.49 -0.39
N TRP B 90 -13.85 19.77 0.72
CA TRP B 90 -15.11 20.50 0.66
C TRP B 90 -15.16 21.48 1.83
N PRO B 91 -14.47 22.60 1.70
CA PRO B 91 -14.33 23.52 2.85
C PRO B 91 -15.66 24.10 3.33
N GLU B 92 -16.64 24.17 2.44
CA GLU B 92 -17.97 24.66 2.79
C GLU B 92 -18.74 23.72 3.75
N LEU B 93 -18.27 22.49 3.88
CA LEU B 93 -18.88 21.50 4.77
C LEU B 93 -18.40 21.72 6.21
N THR B 94 -18.98 22.71 6.87
CA THR B 94 -18.49 23.21 8.14
C THR B 94 -19.19 22.67 9.38
N ALA B 95 -20.29 21.92 9.24
CA ALA B 95 -21.04 21.48 10.42
C ALA B 95 -20.20 20.53 11.28
N LYS B 96 -20.38 20.61 12.59
CA LYS B 96 -19.47 19.99 13.54
C LYS B 96 -19.39 18.46 13.45
N GLN B 97 -20.45 17.83 12.97
CA GLN B 97 -20.50 16.36 12.98
C GLN B 97 -19.52 15.76 11.96
N TRP B 98 -18.97 16.60 11.10
CA TRP B 98 -18.02 16.15 10.08
C TRP B 98 -16.59 16.05 10.60
N ASN B 99 -16.36 16.55 11.81
CA ASN B 99 -15.04 16.44 12.43
C ASN B 99 -14.63 14.98 12.57
N GLY B 100 -13.48 14.62 12.03
CA GLY B 100 -13.03 13.24 12.12
C GLY B 100 -13.57 12.29 11.06
N ILE B 101 -14.43 12.75 10.15
CA ILE B 101 -14.85 11.88 9.05
C ILE B 101 -13.92 12.08 7.86
N THR B 102 -13.21 11.02 7.51
CA THR B 102 -12.18 11.11 6.47
C THR B 102 -12.65 10.56 5.13
N LEU B 103 -11.83 10.75 4.09
CA LEU B 103 -12.13 10.14 2.80
C LEU B 103 -12.21 8.62 2.93
N LEU B 104 -11.38 8.01 3.77
CA LEU B 104 -11.50 6.57 4.03
C LEU B 104 -12.92 6.21 4.43
N HIS B 105 -13.44 6.93 5.40
CA HIS B 105 -14.79 6.63 5.88
C HIS B 105 -15.82 6.72 4.75
N LEU B 106 -15.72 7.77 3.95
CA LEU B 106 -16.68 7.89 2.85
C LEU B 106 -16.54 6.72 1.90
N ALA B 107 -15.31 6.40 1.50
CA ALA B 107 -15.06 5.37 0.51
C ALA B 107 -15.55 4.00 0.93
N THR B 108 -15.54 3.73 2.24
CA THR B 108 -15.77 2.40 2.76
C THR B 108 -17.06 2.25 3.57
N TYR B 109 -17.92 3.26 3.47
CA TYR B 109 -19.28 3.24 4.08
C TYR B 109 -19.22 3.25 5.59
N THR B 110 -18.16 3.84 6.16
CA THR B 110 -17.95 3.81 7.60
C THR B 110 -18.04 5.19 8.27
N ALA B 111 -18.65 6.15 7.60
CA ALA B 111 -18.76 7.49 8.18
C ALA B 111 -19.68 7.60 9.39
N GLY B 112 -20.57 6.62 9.57
CA GLY B 112 -21.49 6.59 10.69
C GLY B 112 -22.95 6.66 10.28
N GLY B 113 -23.34 5.98 9.20
CA GLY B 113 -24.75 5.92 8.86
C GLY B 113 -25.25 6.88 7.81
N LEU B 114 -24.38 7.33 6.90
CA LEU B 114 -24.86 8.01 5.70
C LEU B 114 -25.83 7.04 5.01
N PRO B 115 -26.94 7.56 4.47
CA PRO B 115 -28.00 6.65 3.99
C PRO B 115 -27.71 5.99 2.65
N LEU B 116 -28.37 4.85 2.40
CA LEU B 116 -28.23 4.15 1.14
C LEU B 116 -28.38 5.08 -0.06
N GLN B 117 -29.44 5.89 -0.07
CA GLN B 117 -29.68 6.81 -1.18
C GLN B 117 -29.57 8.26 -0.76
N VAL B 118 -29.04 9.09 -1.66
CA VAL B 118 -29.25 10.52 -1.53
C VAL B 118 -30.77 10.72 -1.73
N PRO B 119 -31.41 11.54 -0.87
CA PRO B 119 -32.87 11.72 -1.04
C PRO B 119 -33.23 12.20 -2.45
N ASP B 120 -34.39 11.79 -2.93
CA ASP B 120 -34.78 11.96 -4.33
C ASP B 120 -34.74 13.40 -4.81
N GLU B 121 -35.11 14.33 -3.93
CA GLU B 121 -35.27 15.72 -4.31
C GLU B 121 -33.96 16.48 -4.31
N VAL B 122 -32.89 15.86 -3.81
CA VAL B 122 -31.57 16.49 -3.84
C VAL B 122 -30.99 16.43 -5.25
N LYS B 123 -30.71 17.58 -5.83
CA LYS B 123 -30.28 17.58 -7.22
C LYS B 123 -29.08 18.49 -7.44
N SER B 124 -29.19 19.72 -6.94
CA SER B 124 -28.20 20.75 -7.22
C SER B 124 -27.04 20.69 -6.23
N SER B 125 -25.96 21.41 -6.56
CA SER B 125 -24.83 21.50 -5.65
C SER B 125 -25.27 22.07 -4.30
N SER B 126 -26.13 23.07 -4.34
CA SER B 126 -26.68 23.66 -3.13
C SER B 126 -27.52 22.65 -2.33
N ASP B 127 -28.32 21.85 -3.02
CA ASP B 127 -29.11 20.83 -2.34
C ASP B 127 -28.18 19.84 -1.65
N LEU B 128 -27.11 19.47 -2.34
CA LEU B 128 -26.12 18.53 -1.82
C LEU B 128 -25.45 19.05 -0.55
N LEU B 129 -24.97 20.29 -0.61
CA LEU B 129 -24.40 20.91 0.58
C LEU B 129 -25.38 20.88 1.75
N ARG B 130 -26.61 21.30 1.53
CA ARG B 130 -27.62 21.32 2.59
C ARG B 130 -27.85 19.91 3.16
N PHE B 131 -27.95 18.91 2.28
CA PHE B 131 -28.15 17.53 2.74
C PHE B 131 -27.03 17.08 3.67
N TYR B 132 -25.78 17.24 3.24
CA TYR B 132 -24.65 16.78 4.07
C TYR B 132 -24.45 17.64 5.31
N GLN B 133 -24.69 18.95 5.22
CA GLN B 133 -24.62 19.81 6.41
C GLN B 133 -25.64 19.42 7.47
N ASN B 134 -26.78 18.92 7.02
CA ASN B 134 -27.89 18.55 7.93
C ASN B 134 -27.87 17.10 8.39
N TRP B 135 -27.04 16.26 7.76
CA TRP B 135 -27.05 14.85 8.12
C TRP B 135 -26.46 14.65 9.51
N GLN B 136 -27.17 13.91 10.35
CA GLN B 136 -26.69 13.58 11.68
C GLN B 136 -26.43 12.09 11.76
N PRO B 137 -25.22 11.73 12.22
CA PRO B 137 -24.84 10.32 12.20
C PRO B 137 -25.60 9.42 13.18
N ALA B 138 -25.73 8.17 12.78
CA ALA B 138 -26.26 7.10 13.63
C ALA B 138 -25.20 6.54 14.58
N TRP B 139 -23.92 6.63 14.19
CA TRP B 139 -22.78 6.04 14.93
C TRP B 139 -21.59 6.94 14.76
N ALA B 140 -20.58 6.75 15.62
CA ALA B 140 -19.32 7.48 15.49
C ALA B 140 -18.57 7.00 14.24
N PRO B 141 -17.65 7.81 13.71
CA PRO B 141 -16.92 7.37 12.53
C PRO B 141 -16.08 6.12 12.77
N GLY B 142 -15.97 5.29 11.76
CA GLY B 142 -15.11 4.13 11.82
C GLY B 142 -15.56 3.02 12.74
N THR B 143 -16.87 2.90 12.97
CA THR B 143 -17.41 1.89 13.88
C THR B 143 -18.36 0.91 13.22
N GLN B 144 -19.11 1.39 12.23
CA GLN B 144 -20.13 0.58 11.58
C GLN B 144 -20.06 0.80 10.08
N ARG B 145 -20.17 -0.30 9.33
CA ARG B 145 -20.28 -0.26 7.88
C ARG B 145 -21.75 -0.32 7.47
N LEU B 146 -22.20 0.67 6.71
CA LEU B 146 -23.57 0.70 6.19
C LEU B 146 -23.46 1.08 4.73
N TYR B 147 -23.65 0.10 3.86
CA TYR B 147 -23.51 0.33 2.43
C TYR B 147 -24.36 1.52 1.97
N ALA B 148 -23.75 2.46 1.26
CA ALA B 148 -24.39 3.75 1.00
C ALA B 148 -23.86 4.48 -0.22
N ASN B 149 -24.75 4.83 -1.13
CA ASN B 149 -24.39 5.62 -2.30
C ASN B 149 -24.01 7.04 -1.88
N SER B 150 -24.66 7.55 -0.84
CA SER B 150 -24.36 8.89 -0.37
C SER B 150 -22.97 8.97 0.25
N SER B 151 -22.40 7.82 0.57
CA SER B 151 -21.05 7.75 1.15
C SER B 151 -19.99 7.64 0.04
N ILE B 152 -19.98 6.54 -0.69
CA ILE B 152 -18.98 6.37 -1.74
C ILE B 152 -19.17 7.34 -2.90
N GLY B 153 -20.40 7.77 -3.13
CA GLY B 153 -20.65 8.77 -4.16
C GLY B 153 -19.96 10.05 -3.82
N LEU B 154 -20.04 10.48 -2.57
CA LEU B 154 -19.34 11.70 -2.16
C LEU B 154 -17.82 11.51 -2.24
N PHE B 155 -17.32 10.34 -1.81
CA PHE B 155 -15.90 10.04 -2.00
C PHE B 155 -15.46 10.26 -3.45
N GLY B 156 -16.23 9.73 -4.42
CA GLY B 156 -15.87 9.84 -5.81
C GLY B 156 -15.82 11.30 -6.27
N ALA B 157 -16.83 12.07 -5.87
CA ALA B 157 -16.87 13.48 -6.25
C ALA B 157 -15.69 14.25 -5.67
N LEU B 158 -15.33 13.96 -4.44
CA LEU B 158 -14.25 14.69 -3.78
C LEU B 158 -12.90 14.23 -4.28
N ALA B 159 -12.78 12.95 -4.63
CA ALA B 159 -11.50 12.36 -5.02
C ALA B 159 -10.94 13.01 -6.28
N VAL B 160 -11.83 13.53 -7.13
CA VAL B 160 -11.37 14.16 -8.38
C VAL B 160 -11.22 15.68 -8.25
N LYS B 161 -11.56 16.25 -7.10
CA LYS B 161 -11.49 17.70 -6.97
C LYS B 161 -10.10 18.30 -7.22
N PRO B 162 -9.03 17.74 -6.61
CA PRO B 162 -7.69 18.31 -6.85
C PRO B 162 -7.26 18.30 -8.32
N SER B 163 -7.73 17.32 -9.11
CA SER B 163 -7.34 17.20 -10.51
C SER B 163 -7.92 18.33 -11.34
N GLY B 164 -9.01 18.92 -10.86
CA GLY B 164 -9.76 19.91 -11.61
C GLY B 164 -10.68 19.33 -12.66
N LEU B 165 -10.61 18.02 -12.89
CA LEU B 165 -11.40 17.36 -13.91
C LEU B 165 -12.78 17.05 -13.38
N SER B 166 -13.76 17.00 -14.26
CA SER B 166 -15.05 16.42 -13.88
C SER B 166 -14.89 14.94 -13.56
N PHE B 167 -15.81 14.39 -12.77
CA PHE B 167 -15.75 12.97 -12.48
C PHE B 167 -15.72 12.12 -13.77
N GLU B 168 -16.58 12.47 -14.72
CA GLU B 168 -16.60 11.74 -15.98
C GLU B 168 -15.29 11.84 -16.78
N GLN B 169 -14.72 13.04 -16.90
CA GLN B 169 -13.47 13.17 -17.64
C GLN B 169 -12.31 12.51 -16.92
N ALA B 170 -12.30 12.57 -15.59
CA ALA B 170 -11.28 11.84 -14.82
C ALA B 170 -11.43 10.34 -15.07
N MET B 171 -12.65 9.82 -14.99
CA MET B 171 -12.84 8.38 -15.17
C MET B 171 -12.44 7.95 -16.60
N GLN B 172 -12.89 8.69 -17.60
CA GLN B 172 -12.61 8.32 -18.97
CA GLN B 172 -12.60 8.29 -18.96
C GLN B 172 -11.11 8.34 -19.28
N THR B 173 -10.45 9.43 -18.88
CA THR B 173 -9.05 9.59 -19.26
C THR B 173 -8.07 8.83 -18.38
N ARG B 174 -8.45 8.55 -17.13
CA ARG B 174 -7.52 7.94 -16.18
C ARG B 174 -7.74 6.46 -15.98
N VAL B 175 -8.93 5.97 -16.29
CA VAL B 175 -9.25 4.56 -16.07
C VAL B 175 -9.71 3.87 -17.37
N PHE B 176 -10.79 4.37 -17.98
CA PHE B 176 -11.34 3.66 -19.15
C PHE B 176 -10.30 3.61 -20.27
N GLN B 177 -9.73 4.77 -20.62
CA GLN B 177 -8.86 4.81 -21.78
C GLN B 177 -7.55 4.04 -21.64
N PRO B 178 -6.82 4.20 -20.50
CA PRO B 178 -5.56 3.45 -20.42
C PRO B 178 -5.79 1.93 -20.49
N LEU B 179 -6.96 1.48 -20.03
CA LEU B 179 -7.30 0.06 -20.02
C LEU B 179 -8.01 -0.37 -21.30
N LYS B 180 -8.15 0.55 -22.25
CA LYS B 180 -8.76 0.26 -23.56
C LYS B 180 -10.19 -0.25 -23.43
N LEU B 181 -10.91 0.34 -22.48
CA LEU B 181 -12.35 0.08 -22.34
C LEU B 181 -13.07 1.04 -23.28
N ASN B 182 -13.09 0.68 -24.56
CA ASN B 182 -13.49 1.60 -25.62
C ASN B 182 -14.99 1.66 -25.86
N HIS B 183 -15.74 0.90 -25.05
CA HIS B 183 -17.20 0.85 -25.16
C HIS B 183 -17.82 0.94 -23.77
N THR B 184 -17.17 1.71 -22.91
CA THR B 184 -17.59 1.91 -21.53
C THR B 184 -17.82 3.40 -21.31
N TRP B 185 -18.99 3.73 -20.78
CA TRP B 185 -19.44 5.11 -20.67
C TRP B 185 -20.25 5.39 -19.42
N ILE B 186 -20.08 6.59 -18.87
CA ILE B 186 -21.00 7.09 -17.86
C ILE B 186 -22.22 7.70 -18.55
N ASN B 187 -22.00 8.40 -19.65
CA ASN B 187 -23.11 8.87 -20.49
C ASN B 187 -22.96 8.27 -21.88
N VAL B 188 -23.92 7.44 -22.29
CA VAL B 188 -23.83 6.72 -23.56
C VAL B 188 -24.03 7.68 -24.73
N PRO B 189 -23.05 7.76 -25.65
CA PRO B 189 -23.15 8.74 -26.74
C PRO B 189 -24.10 8.22 -27.82
N PRO B 190 -24.56 9.11 -28.71
CA PRO B 190 -25.54 8.70 -29.72
C PRO B 190 -25.07 7.51 -30.55
N ALA B 191 -23.77 7.42 -30.86
CA ALA B 191 -23.28 6.32 -31.70
C ALA B 191 -23.44 4.95 -31.04
N GLU B 192 -23.57 4.94 -29.72
CA GLU B 192 -23.69 3.66 -28.98
C GLU B 192 -25.13 3.34 -28.58
N GLU B 193 -26.07 4.25 -28.86
CA GLU B 193 -27.44 4.00 -28.42
C GLU B 193 -28.00 2.70 -29.01
N LYS B 194 -27.63 2.38 -30.25
CA LYS B 194 -28.14 1.16 -30.88
C LYS B 194 -27.66 -0.10 -30.16
N ASN B 195 -26.58 0.02 -29.39
CA ASN B 195 -26.01 -1.09 -28.62
C ASN B 195 -26.42 -1.11 -27.13
N TYR B 196 -27.13 -0.09 -26.70
CA TYR B 196 -27.48 0.08 -25.30
C TYR B 196 -28.74 -0.74 -25.00
N ALA B 197 -28.58 -1.82 -24.25
CA ALA B 197 -29.71 -2.68 -23.93
C ALA B 197 -30.78 -1.92 -23.14
N TRP B 198 -32.05 -2.28 -23.33
CA TRP B 198 -33.05 -1.88 -22.36
C TRP B 198 -32.99 -2.76 -21.14
N GLY B 199 -33.24 -2.17 -19.96
CA GLY B 199 -33.48 -2.93 -18.75
C GLY B 199 -34.95 -3.30 -18.72
N TYR B 200 -35.31 -4.33 -17.98
CA TYR B 200 -36.71 -4.74 -17.89
C TYR B 200 -37.14 -4.87 -16.43
N ARG B 201 -38.20 -4.15 -16.06
CA ARG B 201 -38.69 -4.16 -14.69
C ARG B 201 -40.21 -4.26 -14.78
N GLU B 202 -40.76 -5.34 -14.23
CA GLU B 202 -42.20 -5.62 -14.30
C GLU B 202 -42.75 -5.53 -15.72
N GLY B 203 -41.94 -6.00 -16.66
CA GLY B 203 -42.35 -6.09 -18.05
C GLY B 203 -42.18 -4.82 -18.86
N LYS B 204 -41.63 -3.79 -18.25
CA LYS B 204 -41.47 -2.50 -18.92
C LYS B 204 -39.99 -2.22 -19.19
N ALA B 205 -39.70 -1.71 -20.38
CA ALA B 205 -38.33 -1.33 -20.75
C ALA B 205 -37.95 -0.04 -20.03
N VAL B 206 -36.84 -0.10 -19.30
CA VAL B 206 -36.39 1.04 -18.50
C VAL B 206 -34.88 1.25 -18.60
N HIS B 207 -34.48 2.52 -18.55
CA HIS B 207 -33.09 2.90 -18.28
C HIS B 207 -32.98 3.62 -16.95
N VAL B 208 -31.79 3.57 -16.36
CA VAL B 208 -31.54 4.21 -15.08
C VAL B 208 -31.94 5.69 -15.07
N SER B 209 -32.60 6.12 -14.00
CA SER B 209 -33.04 7.50 -13.85
C SER B 209 -31.88 8.40 -13.36
N PRO B 210 -31.88 9.67 -13.77
CA PRO B 210 -30.88 10.61 -13.23
C PRO B 210 -31.00 10.75 -11.72
N GLY B 211 -29.87 10.88 -11.01
CA GLY B 211 -29.89 11.11 -9.58
C GLY B 211 -28.59 11.75 -9.15
N ALA B 212 -28.62 12.43 -8.01
CA ALA B 212 -27.40 12.99 -7.46
C ALA B 212 -26.39 11.85 -7.20
N LEU B 213 -25.16 12.09 -7.61
CA LEU B 213 -24.07 11.14 -7.42
C LEU B 213 -24.30 9.81 -8.14
N ASP B 214 -25.14 9.83 -9.17
CA ASP B 214 -25.35 8.61 -9.97
C ASP B 214 -24.09 8.08 -10.65
N ALA B 215 -23.32 8.97 -11.28
CA ALA B 215 -22.11 8.53 -11.97
C ALA B 215 -21.18 7.83 -11.01
N GLU B 216 -21.01 8.42 -9.82
CA GLU B 216 -20.03 7.97 -8.85
C GLU B 216 -20.46 6.67 -8.15
N ALA B 217 -21.78 6.47 -8.00
CA ALA B 217 -22.24 5.34 -7.22
C ALA B 217 -22.82 4.18 -8.03
N TYR B 218 -23.40 4.46 -9.19
CA TYR B 218 -24.06 3.38 -9.93
C TYR B 218 -24.23 3.66 -11.40
N GLY B 219 -23.40 4.50 -11.99
CA GLY B 219 -23.73 5.03 -13.30
C GLY B 219 -22.93 4.62 -14.53
N VAL B 220 -22.13 3.56 -14.45
CA VAL B 220 -21.37 3.16 -15.62
C VAL B 220 -22.13 2.12 -16.46
N LYS B 221 -22.00 2.23 -17.78
CA LYS B 221 -22.53 1.26 -18.72
C LYS B 221 -21.36 0.64 -19.48
N SER B 222 -21.40 -0.67 -19.67
CA SER B 222 -20.27 -1.32 -20.33
C SER B 222 -20.67 -2.60 -21.07
N THR B 223 -19.78 -3.09 -21.90
CA THR B 223 -20.01 -4.33 -22.63
C THR B 223 -19.33 -5.51 -21.96
N ILE B 224 -19.66 -6.71 -22.38
CA ILE B 224 -19.04 -7.89 -21.77
C ILE B 224 -17.52 -7.96 -22.08
N GLU B 225 -17.12 -7.47 -23.26
CA GLU B 225 -15.68 -7.45 -23.60
C GLU B 225 -14.92 -6.47 -22.72
N ASP B 226 -15.44 -5.27 -22.58
CA ASP B 226 -14.79 -4.30 -21.72
C ASP B 226 -14.76 -4.78 -20.28
N MET B 227 -15.83 -5.43 -19.83
CA MET B 227 -15.84 -5.93 -18.45
C MET B 227 -14.86 -7.07 -18.24
N ALA B 228 -14.67 -7.92 -19.26
CA ALA B 228 -13.64 -8.95 -19.15
C ALA B 228 -12.27 -8.29 -19.02
N ARG B 229 -12.03 -7.23 -19.78
N ARG B 229 -12.06 -7.22 -19.78
CA ARG B 229 -10.74 -6.53 -19.71
CA ARG B 229 -10.81 -6.48 -19.74
C ARG B 229 -10.58 -5.84 -18.35
C ARG B 229 -10.59 -5.85 -18.37
N TRP B 230 -11.68 -5.35 -17.79
CA TRP B 230 -11.67 -4.81 -16.43
C TRP B 230 -11.26 -5.88 -15.43
N VAL B 231 -11.83 -7.07 -15.54
CA VAL B 231 -11.41 -8.14 -14.64
C VAL B 231 -9.93 -8.48 -14.82
N GLN B 232 -9.49 -8.61 -16.07
CA GLN B 232 -8.09 -8.90 -16.31
C GLN B 232 -7.16 -7.84 -15.70
N SER B 233 -7.57 -6.57 -15.78
CA SER B 233 -6.77 -5.49 -15.24
C SER B 233 -6.66 -5.58 -13.72
N ASN B 234 -7.74 -6.03 -13.09
CA ASN B 234 -7.76 -6.19 -11.64
C ASN B 234 -7.08 -7.48 -11.17
N LEU B 235 -7.01 -8.48 -12.05
CA LEU B 235 -6.26 -9.72 -11.80
C LEU B 235 -4.75 -9.53 -11.93
N LYS B 236 -4.33 -8.68 -12.85
CA LYS B 236 -2.91 -8.50 -13.17
C LYS B 236 -2.55 -7.02 -13.23
N PRO B 237 -2.62 -6.33 -12.09
CA PRO B 237 -2.33 -4.88 -12.13
C PRO B 237 -0.91 -4.54 -12.58
N LEU B 238 0.05 -5.44 -12.35
CA LEU B 238 1.44 -5.11 -12.69
C LEU B 238 1.69 -5.08 -14.19
N ASP B 239 0.71 -5.54 -14.99
CA ASP B 239 0.81 -5.48 -16.43
C ASP B 239 0.36 -4.13 -16.97
N ILE B 240 -0.23 -3.31 -16.10
CA ILE B 240 -0.70 -1.97 -16.50
C ILE B 240 0.49 -1.00 -16.55
N ASN B 241 0.71 -0.35 -17.68
CA ASN B 241 1.90 0.48 -17.87
C ASN B 241 1.87 1.81 -17.11
N GLU B 242 0.68 2.33 -16.90
CA GLU B 242 0.51 3.61 -16.21
C GLU B 242 0.68 3.37 -14.71
N LYS B 243 1.78 3.86 -14.16
CA LYS B 243 2.17 3.59 -12.78
C LYS B 243 1.08 3.92 -11.76
N THR B 244 0.43 5.08 -11.90
CA THR B 244 -0.55 5.44 -10.89
C THR B 244 -1.80 4.54 -10.94
N LEU B 245 -2.15 4.06 -12.13
CA LEU B 245 -3.33 3.22 -12.29
C LEU B 245 -3.01 1.81 -11.81
N GLN B 246 -1.80 1.35 -12.13
CA GLN B 246 -1.27 0.09 -11.58
C GLN B 246 -1.39 0.10 -10.04
N GLN B 247 -0.96 1.19 -9.43
CA GLN B 247 -1.01 1.30 -7.98
C GLN B 247 -2.45 1.46 -7.49
N GLY B 248 -3.26 2.26 -8.19
CA GLY B 248 -4.65 2.49 -7.76
C GLY B 248 -5.48 1.20 -7.74
N ILE B 249 -5.29 0.34 -8.74
CA ILE B 249 -5.95 -0.97 -8.75
C ILE B 249 -5.61 -1.75 -7.50
N GLN B 250 -4.34 -1.75 -7.13
CA GLN B 250 -3.90 -2.46 -5.93
C GLN B 250 -4.46 -1.86 -4.67
N LEU B 251 -4.52 -0.54 -4.59
CA LEU B 251 -5.07 0.10 -3.40
C LEU B 251 -6.55 -0.21 -3.23
N ALA B 252 -7.27 -0.41 -4.34
CA ALA B 252 -8.69 -0.73 -4.24
C ALA B 252 -8.97 -2.13 -3.68
N GLN B 253 -7.98 -3.03 -3.77
CA GLN B 253 -8.09 -4.36 -3.18
C GLN B 253 -7.37 -4.49 -1.85
N SER B 254 -6.83 -3.40 -1.32
N SER B 254 -6.88 -3.38 -1.31
CA SER B 254 -6.31 -3.45 0.03
CA SER B 254 -6.35 -3.35 0.05
C SER B 254 -7.46 -3.65 1.02
C SER B 254 -7.47 -3.60 1.05
N ARG B 255 -7.17 -4.28 2.15
CA ARG B 255 -8.19 -4.64 3.13
C ARG B 255 -8.21 -3.62 4.26
N TYR B 256 -9.23 -2.75 4.28
CA TYR B 256 -9.28 -1.62 5.21
C TYR B 256 -10.06 -1.92 6.49
N TRP B 257 -11.08 -2.75 6.36
CA TRP B 257 -11.97 -3.09 7.48
C TRP B 257 -12.37 -4.54 7.32
N GLN B 258 -12.68 -5.18 8.44
CA GLN B 258 -13.25 -6.53 8.40
C GLN B 258 -14.60 -6.51 9.08
N THR B 259 -15.56 -7.18 8.47
CA THR B 259 -16.79 -7.52 9.20
C THR B 259 -17.11 -8.96 8.87
N GLY B 260 -17.31 -9.78 9.89
CA GLY B 260 -17.45 -11.21 9.63
C GLY B 260 -16.26 -11.73 8.83
N ASP B 261 -16.54 -12.40 7.72
CA ASP B 261 -15.46 -12.97 6.92
C ASP B 261 -15.15 -12.11 5.70
N MET B 262 -15.73 -10.92 5.66
N MET B 262 -15.72 -10.92 5.64
CA MET B 262 -15.50 -10.03 4.52
CA MET B 262 -15.46 -10.07 4.49
C MET B 262 -14.60 -8.86 4.87
C MET B 262 -14.64 -8.83 4.85
N TYR B 263 -13.86 -8.40 3.87
CA TYR B 263 -12.98 -7.25 3.98
C TYR B 263 -13.41 -6.21 2.99
N GLN B 264 -13.48 -4.96 3.44
CA GLN B 264 -13.90 -3.88 2.55
C GLN B 264 -12.68 -3.20 1.90
N GLY B 265 -12.68 -3.18 0.57
CA GLY B 265 -11.68 -2.43 -0.21
C GLY B 265 -12.29 -1.10 -0.67
N LEU B 266 -11.76 -0.52 -1.74
CA LEU B 266 -12.35 0.66 -2.35
C LEU B 266 -13.23 0.14 -3.48
N GLY B 267 -14.54 0.10 -3.23
CA GLY B 267 -15.48 -0.49 -4.19
C GLY B 267 -15.50 -2.00 -4.12
N TRP B 268 -14.37 -2.66 -4.39
CA TRP B 268 -14.29 -4.11 -4.26
C TRP B 268 -14.51 -4.56 -2.81
N GLU B 269 -15.07 -5.75 -2.69
CA GLU B 269 -15.12 -6.47 -1.40
C GLU B 269 -14.36 -7.78 -1.57
N MET B 270 -13.77 -8.29 -0.49
CA MET B 270 -12.85 -9.43 -0.59
C MET B 270 -13.08 -10.39 0.56
N LEU B 271 -12.87 -11.67 0.27
CA LEU B 271 -12.83 -12.72 1.29
C LEU B 271 -11.63 -13.58 1.02
N ASP B 272 -11.11 -14.24 2.06
CA ASP B 272 -10.05 -15.19 1.83
C ASP B 272 -10.55 -16.35 0.94
N TRP B 273 -9.68 -16.81 0.07
CA TRP B 273 -9.91 -17.99 -0.76
C TRP B 273 -9.08 -19.14 -0.19
N PRO B 274 -9.66 -20.35 -0.07
CA PRO B 274 -11.02 -20.75 -0.47
C PRO B 274 -12.08 -20.13 0.40
N VAL B 275 -13.21 -19.86 -0.22
CA VAL B 275 -14.28 -19.18 0.46
C VAL B 275 -15.35 -20.20 0.81
N ASN B 276 -16.09 -19.91 1.87
CA ASN B 276 -17.30 -20.66 2.16
C ASN B 276 -18.44 -20.12 1.28
N PRO B 277 -18.91 -20.93 0.33
CA PRO B 277 -19.89 -20.38 -0.61
C PRO B 277 -21.16 -19.91 0.08
N ASP B 278 -21.57 -20.55 1.17
CA ASP B 278 -22.77 -20.09 1.85
C ASP B 278 -22.63 -18.66 2.33
N SER B 279 -21.43 -18.32 2.76
CA SER B 279 -21.19 -16.98 3.26
C SER B 279 -21.35 -15.91 2.18
N ILE B 280 -20.74 -16.11 1.01
CA ILE B 280 -20.90 -15.13 -0.05
C ILE B 280 -22.30 -15.15 -0.67
N ILE B 281 -22.90 -16.34 -0.81
CA ILE B 281 -24.25 -16.41 -1.39
C ILE B 281 -25.28 -15.77 -0.46
N ASN B 282 -25.34 -16.25 0.77
CA ASN B 282 -26.27 -15.68 1.73
C ASN B 282 -25.95 -14.23 2.06
N GLY B 283 -24.66 -13.91 2.14
CA GLY B 283 -24.25 -12.57 2.51
C GLY B 283 -24.58 -11.56 1.43
N SER B 284 -24.88 -12.04 0.24
CA SER B 284 -25.19 -11.12 -0.86
C SER B 284 -26.66 -10.68 -0.85
N ASP B 285 -27.49 -11.39 -0.09
CA ASP B 285 -28.87 -10.96 0.08
C ASP B 285 -28.89 -9.57 0.69
N ASN B 286 -29.71 -8.67 0.12
CA ASN B 286 -29.81 -7.32 0.65
C ASN B 286 -30.14 -7.23 2.13
N LYS B 287 -30.82 -8.22 2.70
CA LYS B 287 -31.14 -8.13 4.13
C LYS B 287 -29.86 -8.13 4.97
N ILE B 288 -28.79 -8.72 4.44
CA ILE B 288 -27.46 -8.66 5.04
C ILE B 288 -26.60 -7.57 4.41
N ALA B 289 -26.52 -7.54 3.08
CA ALA B 289 -25.57 -6.67 2.39
C ALA B 289 -25.89 -5.18 2.62
N LEU B 290 -27.16 -4.86 2.88
CA LEU B 290 -27.54 -3.46 3.12
C LEU B 290 -27.71 -3.11 4.59
N ALA B 291 -27.46 -4.05 5.49
CA ALA B 291 -27.59 -3.81 6.93
C ALA B 291 -26.28 -3.33 7.55
N ALA B 292 -26.39 -2.55 8.62
CA ALA B 292 -25.22 -2.10 9.35
C ALA B 292 -24.52 -3.28 10.00
N ARG B 293 -23.18 -3.27 9.96
CA ARG B 293 -22.37 -4.30 10.61
C ARG B 293 -21.17 -3.63 11.27
N PRO B 294 -20.80 -4.07 12.47
CA PRO B 294 -19.63 -3.49 13.13
C PRO B 294 -18.37 -3.86 12.38
N VAL B 295 -17.45 -2.91 12.27
CA VAL B 295 -16.17 -3.16 11.59
C VAL B 295 -15.03 -3.17 12.56
N LYS B 296 -14.04 -4.00 12.23
CA LYS B 296 -12.73 -3.94 12.87
C LYS B 296 -11.78 -3.28 11.90
N ALA B 297 -11.11 -2.24 12.36
CA ALA B 297 -10.08 -1.61 11.54
C ALA B 297 -8.93 -2.60 11.32
N ILE B 298 -8.44 -2.64 10.10
N ILE B 298 -8.46 -2.67 10.09
CA ILE B 298 -7.23 -3.42 9.81
CA ILE B 298 -7.24 -3.44 9.79
C ILE B 298 -6.09 -2.42 9.77
C ILE B 298 -6.12 -2.40 9.79
N THR B 299 -5.28 -2.46 10.83
CA THR B 299 -4.33 -1.38 11.10
C THR B 299 -2.93 -1.95 11.06
N PRO B 300 -2.21 -1.72 9.96
CA PRO B 300 -2.58 -0.99 8.75
C PRO B 300 -3.24 -1.92 7.75
N PRO B 301 -3.88 -1.36 6.72
CA PRO B 301 -4.57 -2.23 5.76
C PRO B 301 -3.63 -3.22 5.08
N THR B 302 -4.11 -4.44 4.86
CA THR B 302 -3.33 -5.46 4.22
C THR B 302 -3.24 -5.14 2.75
N PRO B 303 -2.07 -5.26 2.13
CA PRO B 303 -2.04 -5.06 0.68
C PRO B 303 -2.86 -6.12 0.00
N ALA B 304 -3.26 -5.85 -1.24
CA ALA B 304 -4.11 -6.79 -1.98
C ALA B 304 -3.64 -8.24 -1.83
N VAL B 305 -4.52 -9.10 -1.34
CA VAL B 305 -4.19 -10.47 -1.04
C VAL B 305 -4.48 -11.39 -2.23
N ARG B 306 -3.46 -12.12 -2.70
CA ARG B 306 -3.65 -12.92 -3.90
C ARG B 306 -4.69 -14.02 -3.72
N ALA B 307 -4.68 -14.67 -2.57
CA ALA B 307 -5.62 -15.74 -2.28
C ALA B 307 -6.91 -15.15 -1.74
N SER B 308 -7.64 -14.45 -2.63
CA SER B 308 -8.90 -13.83 -2.27
C SER B 308 -9.94 -14.14 -3.33
N TRP B 309 -11.19 -14.20 -2.87
CA TRP B 309 -12.37 -14.03 -3.73
C TRP B 309 -12.72 -12.54 -3.69
N VAL B 310 -12.59 -11.86 -4.83
CA VAL B 310 -12.80 -10.42 -4.90
C VAL B 310 -14.05 -10.23 -5.72
N HIS B 311 -15.00 -9.42 -5.25
CA HIS B 311 -16.27 -9.37 -5.98
C HIS B 311 -17.07 -8.13 -5.73
N LYS B 312 -18.12 -7.96 -6.54
CA LYS B 312 -19.07 -6.87 -6.33
C LYS B 312 -20.38 -7.19 -7.06
N THR B 313 -21.50 -7.10 -6.35
CA THR B 313 -22.82 -7.16 -6.97
C THR B 313 -23.27 -5.74 -7.34
N GLY B 314 -24.17 -5.63 -8.29
CA GLY B 314 -24.77 -4.33 -8.49
C GLY B 314 -25.93 -4.37 -9.45
N ALA B 315 -26.87 -3.44 -9.27
CA ALA B 315 -28.09 -3.47 -10.07
C ALA B 315 -28.55 -2.06 -10.37
N THR B 316 -29.46 -1.94 -11.33
CA THR B 316 -30.31 -0.76 -11.42
C THR B 316 -31.74 -1.29 -11.47
N GLY B 317 -32.72 -0.40 -11.66
CA GLY B 317 -34.10 -0.85 -11.73
C GLY B 317 -34.31 -1.98 -12.73
N GLY B 318 -33.59 -1.91 -13.85
CA GLY B 318 -33.76 -2.85 -14.96
C GLY B 318 -32.62 -3.82 -15.24
N PHE B 319 -31.55 -3.79 -14.43
CA PHE B 319 -30.36 -4.60 -14.72
C PHE B 319 -29.82 -5.24 -13.45
N GLY B 320 -29.13 -6.35 -13.63
CA GLY B 320 -28.46 -7.01 -12.52
C GLY B 320 -27.13 -7.57 -12.98
N SER B 321 -26.07 -7.23 -12.26
CA SER B 321 -24.71 -7.61 -12.66
C SER B 321 -23.93 -8.18 -11.48
N TYR B 322 -22.88 -8.93 -11.81
CA TYR B 322 -21.97 -9.44 -10.79
C TYR B 322 -20.60 -9.66 -11.42
N VAL B 323 -19.55 -9.37 -10.65
CA VAL B 323 -18.18 -9.66 -11.08
C VAL B 323 -17.48 -10.32 -9.92
N ALA B 324 -16.70 -11.37 -10.19
CA ALA B 324 -15.88 -11.99 -9.15
C ALA B 324 -14.60 -12.50 -9.75
N PHE B 325 -13.53 -12.47 -8.99
CA PHE B 325 -12.27 -13.00 -9.48
C PHE B 325 -11.36 -13.45 -8.35
N ILE B 326 -10.40 -14.33 -8.68
CA ILE B 326 -9.47 -14.90 -7.71
C ILE B 326 -8.05 -14.67 -8.24
N PRO B 327 -7.34 -13.66 -7.71
CA PRO B 327 -6.04 -13.31 -8.31
C PRO B 327 -5.07 -14.47 -8.38
N GLU B 328 -4.98 -15.28 -7.35
CA GLU B 328 -3.97 -16.33 -7.39
C GLU B 328 -4.28 -17.43 -8.42
N LYS B 329 -5.53 -17.50 -8.87
CA LYS B 329 -5.90 -18.49 -9.89
C LYS B 329 -5.97 -17.90 -11.30
N GLU B 330 -5.78 -16.59 -11.42
CA GLU B 330 -5.92 -15.89 -12.71
C GLU B 330 -7.28 -16.16 -13.33
N LEU B 331 -8.29 -16.18 -12.48
CA LEU B 331 -9.62 -16.67 -12.85
C LEU B 331 -10.68 -15.66 -12.45
N GLY B 332 -11.67 -15.43 -13.31
CA GLY B 332 -12.72 -14.49 -12.98
C GLY B 332 -13.95 -14.67 -13.82
N ILE B 333 -15.02 -13.97 -13.46
CA ILE B 333 -16.26 -14.03 -14.20
C ILE B 333 -16.97 -12.69 -14.14
N VAL B 334 -17.65 -12.37 -15.24
CA VAL B 334 -18.58 -11.24 -15.29
C VAL B 334 -19.93 -11.77 -15.76
N MET B 335 -20.99 -11.36 -15.09
CA MET B 335 -22.35 -11.74 -15.48
C MET B 335 -23.18 -10.46 -15.56
N LEU B 336 -23.64 -10.13 -16.78
CA LEU B 336 -24.43 -8.92 -17.01
C LEU B 336 -25.81 -9.34 -17.53
N ALA B 337 -26.89 -8.82 -16.93
CA ALA B 337 -28.25 -9.18 -17.33
C ALA B 337 -29.12 -7.94 -17.37
N ASN B 338 -30.09 -7.93 -18.29
CA ASN B 338 -31.05 -6.82 -18.31
C ASN B 338 -32.34 -7.12 -17.54
N LYS B 339 -32.19 -7.70 -16.36
CA LYS B 339 -33.24 -7.74 -15.36
C LYS B 339 -32.53 -7.75 -14.00
N ASN B 340 -33.07 -7.01 -13.04
CA ASN B 340 -32.58 -7.07 -11.66
C ASN B 340 -33.12 -8.30 -10.93
N TYR B 341 -32.38 -9.40 -10.98
CA TYR B 341 -32.77 -10.64 -10.33
C TYR B 341 -31.92 -10.83 -9.05
N PRO B 342 -32.37 -11.64 -8.08
CA PRO B 342 -31.76 -11.63 -6.74
C PRO B 342 -30.26 -11.92 -6.70
N ASN B 343 -29.56 -11.13 -5.90
CA ASN B 343 -28.10 -11.29 -5.73
C ASN B 343 -27.67 -12.73 -5.45
N PRO B 344 -28.37 -13.45 -4.55
CA PRO B 344 -27.82 -14.78 -4.21
C PRO B 344 -27.80 -15.71 -5.40
N ALA B 345 -28.74 -15.52 -6.33
CA ALA B 345 -28.74 -16.35 -7.54
C ALA B 345 -27.53 -16.06 -8.44
N ARG B 346 -27.10 -14.79 -8.48
CA ARG B 346 -25.89 -14.43 -9.23
C ARG B 346 -24.67 -15.07 -8.61
N VAL B 347 -24.55 -14.93 -7.29
CA VAL B 347 -23.33 -15.40 -6.62
C VAL B 347 -23.26 -16.92 -6.68
N ASP B 348 -24.41 -17.58 -6.51
CA ASP B 348 -24.45 -19.03 -6.58
C ASP B 348 -23.94 -19.52 -7.93
N ALA B 349 -24.41 -18.91 -9.01
CA ALA B 349 -24.01 -19.31 -10.35
C ALA B 349 -22.51 -19.06 -10.57
N ALA B 350 -22.06 -17.90 -10.14
CA ALA B 350 -20.65 -17.54 -10.28
C ALA B 350 -19.77 -18.52 -9.51
N TRP B 351 -20.16 -18.83 -8.28
CA TRP B 351 -19.48 -19.84 -7.47
C TRP B 351 -19.36 -21.18 -8.18
N GLN B 352 -20.49 -21.65 -8.71
CA GLN B 352 -20.50 -22.97 -9.34
C GLN B 352 -19.50 -23.00 -10.48
N ILE B 353 -19.44 -21.91 -11.25
CA ILE B 353 -18.57 -21.88 -12.40
C ILE B 353 -17.10 -21.76 -12.00
N LEU B 354 -16.77 -20.79 -11.16
CA LEU B 354 -15.36 -20.60 -10.76
C LEU B 354 -14.84 -21.80 -9.94
N ASN B 355 -15.67 -22.35 -9.06
CA ASN B 355 -15.26 -23.49 -8.23
C ASN B 355 -14.92 -24.71 -9.10
N ALA B 356 -15.68 -24.88 -10.19
CA ALA B 356 -15.44 -25.98 -11.14
C ALA B 356 -14.14 -25.80 -11.92
N LEU B 357 -13.76 -24.57 -12.19
CA LEU B 357 -12.65 -24.29 -13.08
C LEU B 357 -11.34 -24.10 -12.33
N GLN B 358 -11.43 -23.83 -11.04
CA GLN B 358 -10.28 -23.55 -10.21
C GLN B 358 -9.39 -24.78 -10.07
#